data_7VL8
#
_entry.id   7VL8
#
_cell.length_a   1.00
_cell.length_b   1.00
_cell.length_c   1.00
_cell.angle_alpha   90.00
_cell.angle_beta   90.00
_cell.angle_gamma   90.00
#
_symmetry.space_group_name_H-M   'P 1'
#
loop_
_entity.id
_entity.type
_entity.pdbx_description
1 polymer 'Guanine nucleotide-binding protein G(i) subunit alpha-1'
2 polymer 'Guanine nucleotide-binding protein G(I)/G(S)/G(T) subunit beta-1'
3 polymer 'Guanine nucleotide-binding protein G(I)/G(S)/G(O) subunit gamma-2'
4 polymer 'C-C chemokine receptor type 1'
5 polymer scFv16
6 non-polymer CHOLESTEROL
#
loop_
_entity_poly.entity_id
_entity_poly.type
_entity_poly.pdbx_seq_one_letter_code
_entity_poly.pdbx_strand_id
1 'polypeptide(L)'
;MGCTLSAEDKAAVERSKMIDRNLREDGEKAAREVKLLLLGAGESGKNTIVKQMKIIHEAGYSEEECKQYKAVVYSNTIQS
IIAIIRAMGRLKIDFGDSARADDARQLFVLAGAAEEGFMTAELAGVIKRLWKDSGVQACFNRSREYQLNDSAAYYLNDLD
RIAQPNYIPTQQDVLRTRVKTTGIVETHFTFKDLHFKMFDVGAQRSERKKWIHCFEGVTAIIFCVALSDYDLVLAEDEEM
NRMHASMKLFDSICNNKWFTDTSIILFLNKKDLFEEKIKKSPLTICYPEYAGSNTYEEAAAYIQCQFEDLNKRKDTKEIY
THFTCSTDTKNVQFVFDAVTDVIIKNNLKDCGLF
;
A
2 'polypeptide(L)'
;GPGSSGSELDQLRQEAEQLKNQIRDARKACADATLSQITNNIDPVGRIQMRTRRTLRGHLAKIYAMHWGTDSRLLVSASQ
DGKLIIWDSYTTNKVHAIPLRSSWVMTCAYAPSGNYVACGGLDNICSIYNLKTREGNVRVSRELAGHTGYLSCCRFLDDN
QIVTSSGDTTCALWDIETGQQTTTFTGHTGDVMSLSLAPDTRLFVSGACDASAKLWDVREGMCRQTFTGHESDINAICFF
PNGNAFATGSDDATCRLFDLRADQELMTYSHDNIICGITSVSFSKSGRLLLAGYDDFNCNVWDALKADRAGVLAGHDNRV
SCLGVTDDGMAVATGSWDSFLKIWN
;
B
3 'polypeptide(L)' MASNNTASIAQARKLVEQLKMEANIDRIKVSKAAADLMAYCEAHAKEDPLLTPVPASENPFREKKFFCAIL G
4 'polypeptide(L)'
;GGSGMETPNTTEDYDTTTEFDYGDATPCQKVNERAFGAQLLPPLYSLVFVIGLVGNILVVLVLVQYKRLKNMTSIYLLNL
AISDLLFLFTLPFWIDYKLKDDWVFGDAMCKILSGFYYTGLYSEIFFIILLTIDRYLAIVHAVFALRARTVTFGVITSII
IWALAILASMPGLYFSKTQWEFTHHTCSLHFPHESLREWKLFQALKLNLFGLVLPLLVMIICYTGIIKILLRRPNEKKSK
AVRLIFVIMIIFFLFWTPYNLTILISVFQDFLFTHECEQSRHLDLAVQVTEVIAYTHCCVNPVIYAFVGERFRKYLRQLF
HRRVAVHLVKWLPFLSVDRLERVSSTSPSTGEHELSAGFLEVLFQ
;
R
5 'polypeptide(L)'
;DVQLVESGGGLVQPGGSRKLSCSASGFAFSSFGMHWVRQAPEKGLEWVAYISSGSGTIYYADTVKGRFTISRDDPKNTLF
LQMTSLRSEDTAMYYCVRSIYYYGSSPFDFWGQGTTLTVSSGGGGSGGGGSGGGGSDIVMTQATSSVPVTPGESVSISCR
SSKSLLHSNGNTYLYWFLQRPGQSPQLLIYRMSNLASGVPDRFSGSGSGTAFTLTISRLEAEDVGVYYCMQHLEYPLTFG
AGTKLELKGSLEVLFQ
;
S
#
loop_
_chem_comp.id
_chem_comp.type
_chem_comp.name
_chem_comp.formula
CLR non-polymer CHOLESTEROL 'C27 H46 O'
#
# COMPACT_ATOMS: atom_id res chain seq x y z
N CYS A 3 20.78 -16.88 -13.31
CA CYS A 3 20.72 -16.00 -12.14
C CYS A 3 19.85 -16.62 -11.04
N THR A 4 19.92 -17.93 -10.92
CA THR A 4 19.19 -18.76 -9.96
C THR A 4 17.68 -18.73 -10.20
N LEU A 5 17.21 -18.02 -11.23
CA LEU A 5 15.79 -17.95 -11.56
C LEU A 5 15.53 -18.73 -12.85
N SER A 6 14.52 -19.59 -12.81
CA SER A 6 14.10 -20.31 -14.01
C SER A 6 13.34 -19.36 -14.94
N ALA A 7 12.86 -19.91 -16.05
CA ALA A 7 12.13 -19.08 -17.01
C ALA A 7 10.76 -18.71 -16.46
N GLU A 8 10.11 -19.66 -15.80
CA GLU A 8 8.78 -19.38 -15.20
C GLU A 8 8.93 -18.34 -14.09
N ASP A 9 10.00 -18.44 -13.28
CA ASP A 9 10.21 -17.44 -12.23
C ASP A 9 10.39 -16.05 -12.82
N LYS A 10 11.11 -15.94 -13.93
CA LYS A 10 11.30 -14.64 -14.57
C LYS A 10 9.99 -14.12 -15.11
N ALA A 11 9.16 -14.99 -15.68
CA ALA A 11 7.85 -14.54 -16.15
C ALA A 11 6.95 -14.13 -15.00
N ALA A 12 7.04 -14.83 -13.86
CA ALA A 12 6.32 -14.42 -12.65
C ALA A 12 6.74 -13.04 -12.17
N VAL A 13 8.05 -12.76 -12.14
CA VAL A 13 8.52 -11.45 -11.72
C VAL A 13 8.07 -10.38 -12.70
N GLU A 14 8.07 -10.68 -14.00
CA GLU A 14 7.57 -9.72 -14.98
C GLU A 14 6.10 -9.42 -14.75
N ARG A 15 5.31 -10.44 -14.44
CA ARG A 15 3.90 -10.24 -14.14
C ARG A 15 3.71 -9.38 -12.89
N SER A 16 4.49 -9.67 -11.84
CA SER A 16 4.40 -8.88 -10.62
C SER A 16 4.71 -7.41 -10.88
N LYS A 17 5.72 -7.13 -11.71
CA LYS A 17 6.06 -5.74 -11.99
C LYS A 17 5.03 -5.07 -12.88
N MET A 18 4.44 -5.81 -13.82
CA MET A 18 3.34 -5.25 -14.59
C MET A 18 2.13 -4.96 -13.71
N ILE A 19 1.98 -5.70 -12.61
CA ILE A 19 0.95 -5.38 -11.62
C ILE A 19 1.31 -4.10 -10.87
N ASP A 20 2.57 -4.00 -10.45
CA ASP A 20 3.06 -2.80 -9.76
C ASP A 20 2.81 -1.53 -10.55
N ARG A 21 3.02 -1.58 -11.88
CA ARG A 21 2.78 -0.39 -12.69
C ARG A 21 1.34 0.07 -12.60
N ASN A 22 0.38 -0.86 -12.68
CA ASN A 22 -1.02 -0.50 -12.58
C ASN A 22 -1.39 -0.04 -11.18
N LEU A 23 -0.77 -0.63 -10.16
CA LEU A 23 -0.99 -0.16 -8.80
C LEU A 23 -0.54 1.28 -8.62
N ARG A 24 0.63 1.63 -9.16
CA ARG A 24 1.09 3.01 -9.09
C ARG A 24 0.19 3.95 -9.88
N GLU A 25 -0.23 3.55 -11.08
CA GLU A 25 -1.12 4.41 -11.86
C GLU A 25 -2.42 4.66 -11.12
N ASP A 26 -3.00 3.61 -10.53
CA ASP A 26 -4.25 3.78 -9.79
C ASP A 26 -4.07 4.62 -8.55
N GLY A 27 -2.98 4.41 -7.81
CA GLY A 27 -2.77 5.17 -6.59
C GLY A 27 -2.33 6.59 -6.83
N GLU A 28 -1.90 6.92 -8.05
CA GLU A 28 -1.64 8.30 -8.39
C GLU A 28 -2.84 8.98 -9.03
N LYS A 29 -3.77 8.21 -9.59
CA LYS A 29 -5.05 8.80 -9.99
C LYS A 29 -5.97 9.02 -8.81
N ALA A 30 -5.84 8.21 -7.76
CA ALA A 30 -6.68 8.37 -6.59
C ALA A 30 -6.34 9.63 -5.80
N ALA A 31 -5.07 10.00 -5.74
CA ALA A 31 -4.64 11.14 -4.96
C ALA A 31 -4.96 12.48 -5.63
N ARG A 32 -5.74 12.48 -6.70
CA ARG A 32 -6.16 13.72 -7.35
C ARG A 32 -7.63 14.01 -7.15
N GLU A 33 -8.36 13.19 -6.42
CA GLU A 33 -9.78 13.39 -6.18
C GLU A 33 -10.00 13.90 -4.76
N VAL A 34 -10.94 14.82 -4.60
CA VAL A 34 -11.30 15.34 -3.29
C VAL A 34 -12.38 14.46 -2.69
N LYS A 35 -12.22 14.07 -1.43
CA LYS A 35 -13.16 13.16 -0.78
C LYS A 35 -13.72 13.83 0.47
N LEU A 36 -15.00 14.17 0.42
CA LEU A 36 -15.71 14.86 1.49
C LEU A 36 -16.59 13.89 2.26
N LEU A 37 -16.64 14.04 3.58
CA LEU A 37 -17.44 13.17 4.43
C LEU A 37 -18.69 13.91 4.91
N LEU A 38 -19.85 13.45 4.47
CA LEU A 38 -21.12 14.05 4.89
C LEU A 38 -21.53 13.55 6.27
N LEU A 39 -22.06 14.46 7.08
CA LEU A 39 -22.59 14.13 8.39
C LEU A 39 -23.79 15.02 8.68
N GLY A 40 -24.57 14.62 9.67
CA GLY A 40 -25.76 15.35 10.05
C GLY A 40 -26.72 14.48 10.82
N ALA A 41 -27.75 15.11 11.35
CA ALA A 41 -28.76 14.42 12.14
C ALA A 41 -29.93 14.03 11.26
N GLY A 42 -30.99 13.52 11.88
CA GLY A 42 -32.17 13.12 11.14
C GLY A 42 -32.95 14.32 10.63
N GLU A 43 -33.64 14.12 9.51
CA GLU A 43 -34.48 15.13 8.88
C GLU A 43 -33.69 16.38 8.48
N SER A 44 -32.39 16.26 8.31
CA SER A 44 -31.56 17.41 7.97
C SER A 44 -31.57 17.72 6.48
N GLY A 45 -30.54 18.40 6.02
CA GLY A 45 -30.47 18.76 4.60
C GLY A 45 -29.56 17.85 3.82
N LYS A 46 -29.11 16.74 4.40
CA LYS A 46 -28.14 15.89 3.73
C LYS A 46 -28.68 15.37 2.41
N ASN A 47 -29.93 14.95 2.40
CA ASN A 47 -30.53 14.46 1.17
C ASN A 47 -30.61 15.58 0.14
N THR A 48 -31.05 16.75 0.57
CA THR A 48 -31.19 17.88 -0.35
C THR A 48 -29.87 18.33 -0.95
N ILE A 49 -28.81 18.42 -0.14
CA ILE A 49 -27.54 18.92 -0.65
C ILE A 49 -26.96 17.92 -1.62
N VAL A 50 -27.26 16.64 -1.41
CA VAL A 50 -26.80 15.63 -2.36
C VAL A 50 -27.47 15.84 -3.72
N LYS A 51 -28.77 16.12 -3.72
CA LYS A 51 -29.48 16.36 -4.97
C LYS A 51 -29.10 17.70 -5.61
N GLN A 52 -28.67 18.67 -4.80
CA GLN A 52 -28.28 19.96 -5.37
C GLN A 52 -26.88 19.92 -5.95
N MET A 53 -25.95 19.22 -5.31
CA MET A 53 -24.57 19.17 -5.80
C MET A 53 -24.45 18.24 -7.00
N LYS A 54 -24.83 16.97 -6.83
CA LYS A 54 -24.76 16.02 -7.92
C LYS A 54 -25.99 16.10 -8.81
N THR A 182 -26.80 -0.38 1.03
CA THR A 182 -27.44 -0.03 2.29
C THR A 182 -26.44 0.54 3.29
N GLY A 183 -25.16 0.47 2.95
CA GLY A 183 -24.12 1.01 3.79
C GLY A 183 -23.74 2.43 3.39
N ILE A 184 -22.46 2.65 3.10
CA ILE A 184 -22.01 3.96 2.65
C ILE A 184 -22.54 4.22 1.26
N VAL A 185 -22.96 5.46 1.01
CA VAL A 185 -23.40 5.89 -0.31
C VAL A 185 -22.34 6.82 -0.87
N GLU A 186 -21.65 6.39 -1.92
CA GLU A 186 -20.58 7.19 -2.53
C GLU A 186 -21.15 7.90 -3.75
N THR A 187 -21.06 9.23 -3.76
CA THR A 187 -21.50 10.05 -4.88
C THR A 187 -20.29 10.68 -5.53
N HIS A 188 -20.24 10.66 -6.86
CA HIS A 188 -19.15 11.24 -7.61
C HIS A 188 -19.66 12.41 -8.44
N PHE A 189 -18.89 13.50 -8.47
CA PHE A 189 -19.22 14.60 -9.37
C PHE A 189 -17.96 15.39 -9.67
N THR A 190 -18.10 16.34 -10.58
CA THR A 190 -16.98 17.15 -11.04
C THR A 190 -17.37 18.61 -11.10
N PHE A 191 -16.42 19.49 -10.82
CA PHE A 191 -16.65 20.92 -10.85
C PHE A 191 -15.30 21.61 -11.10
N LYS A 192 -15.22 22.38 -12.19
CA LYS A 192 -14.04 23.20 -12.51
C LYS A 192 -12.74 22.41 -12.36
N ASP A 193 -12.62 21.32 -13.11
CA ASP A 193 -11.45 20.45 -13.18
C ASP A 193 -11.15 19.75 -11.86
N LEU A 194 -12.05 19.78 -10.89
CA LEU A 194 -11.89 19.02 -9.66
C LEU A 194 -12.90 17.88 -9.62
N HIS A 195 -12.46 16.72 -9.14
CA HIS A 195 -13.32 15.55 -9.01
C HIS A 195 -13.58 15.29 -7.53
N PHE A 196 -14.83 15.46 -7.12
CA PHE A 196 -15.22 15.20 -5.73
C PHE A 196 -15.94 13.87 -5.62
N LYS A 197 -15.75 13.22 -4.48
CA LYS A 197 -16.51 12.03 -4.12
C LYS A 197 -16.96 12.18 -2.67
N MET A 198 -18.27 12.28 -2.46
CA MET A 198 -18.85 12.43 -1.14
C MET A 198 -19.30 11.09 -0.61
N PHE A 199 -18.97 10.79 0.64
CA PHE A 199 -19.36 9.54 1.28
C PHE A 199 -20.45 9.84 2.30
N ASP A 200 -21.71 9.72 1.87
CA ASP A 200 -22.84 9.83 2.79
C ASP A 200 -22.89 8.54 3.60
N VAL A 201 -22.52 8.64 4.88
CA VAL A 201 -22.44 7.47 5.74
C VAL A 201 -23.68 7.42 6.62
N GLY A 202 -24.69 8.22 6.28
CA GLY A 202 -25.94 8.14 7.02
C GLY A 202 -26.49 6.73 6.90
N ALA A 203 -27.25 6.28 7.90
CA ALA A 203 -27.81 4.91 7.92
C ALA A 203 -26.84 3.84 8.38
N GLN A 204 -25.64 4.24 8.81
CA GLN A 204 -24.71 3.27 9.39
C GLN A 204 -25.01 3.41 10.86
N ARG A 205 -26.08 2.79 11.31
CA ARG A 205 -26.51 2.95 12.70
C ARG A 205 -25.80 2.01 13.66
N SER A 206 -24.47 1.99 13.61
CA SER A 206 -23.65 1.22 14.53
C SER A 206 -22.86 2.17 15.43
N GLU A 207 -21.96 1.61 16.23
CA GLU A 207 -21.10 2.43 17.08
C GLU A 207 -20.17 3.25 16.20
N ARG A 208 -20.38 4.57 16.18
CA ARG A 208 -19.59 5.45 15.33
C ARG A 208 -18.12 5.45 15.75
N LYS A 209 -17.84 5.22 17.03
CA LYS A 209 -16.46 5.19 17.51
C LYS A 209 -15.66 4.01 16.99
N LYS A 210 -16.27 3.13 16.18
CA LYS A 210 -15.61 1.93 15.71
C LYS A 210 -15.25 1.99 14.23
N TRP A 211 -15.95 2.78 13.42
CA TRP A 211 -15.66 2.87 12.00
C TRP A 211 -15.27 4.26 11.52
N ILE A 212 -15.04 5.22 12.42
CA ILE A 212 -14.76 6.58 11.98
C ILE A 212 -13.30 6.83 11.70
N HIS A 213 -12.39 6.05 12.30
CA HIS A 213 -10.98 6.17 11.95
C HIS A 213 -10.70 5.79 10.51
N CYS A 214 -11.62 5.07 9.86
CA CYS A 214 -11.47 4.81 8.43
C CYS A 214 -11.49 6.10 7.62
N PHE A 215 -12.08 7.17 8.17
CA PHE A 215 -12.20 8.43 7.46
C PHE A 215 -11.14 9.44 7.88
N GLU A 216 -10.20 9.04 8.73
CA GLU A 216 -9.06 9.89 9.06
C GLU A 216 -8.24 10.11 7.79
N GLY A 217 -8.23 11.34 7.29
CA GLY A 217 -7.55 11.66 6.06
C GLY A 217 -8.44 12.10 4.92
N VAL A 218 -9.66 12.54 5.21
CA VAL A 218 -10.52 13.13 4.19
C VAL A 218 -10.19 14.60 4.06
N THR A 219 -10.52 15.18 2.91
CA THR A 219 -10.24 16.60 2.70
C THR A 219 -11.06 17.47 3.65
N ALA A 220 -12.37 17.29 3.67
CA ALA A 220 -13.23 18.09 4.52
C ALA A 220 -14.45 17.29 4.96
N ILE A 221 -15.05 17.73 6.05
CA ILE A 221 -16.34 17.23 6.50
C ILE A 221 -17.39 18.23 6.07
N ILE A 222 -18.58 17.75 5.74
CA ILE A 222 -19.72 18.59 5.41
C ILE A 222 -20.82 18.25 6.39
N PHE A 223 -21.07 19.16 7.34
CA PHE A 223 -22.03 18.92 8.41
C PHE A 223 -23.30 19.69 8.12
N CYS A 224 -24.40 18.98 7.95
CA CYS A 224 -25.69 19.60 7.67
C CYS A 224 -26.48 19.77 8.96
N VAL A 225 -27.07 20.95 9.14
CA VAL A 225 -27.90 21.24 10.29
C VAL A 225 -29.14 21.99 9.82
N ALA A 226 -30.31 21.56 10.28
CA ALA A 226 -31.56 22.20 9.91
C ALA A 226 -31.83 23.37 10.85
N LEU A 227 -32.00 24.56 10.28
CA LEU A 227 -32.27 25.73 11.12
C LEU A 227 -33.68 25.71 11.69
N SER A 228 -34.60 25.00 11.05
CA SER A 228 -35.98 24.94 11.50
C SER A 228 -36.18 24.00 12.69
N ASP A 229 -35.17 23.21 13.05
CA ASP A 229 -35.31 22.21 14.09
C ASP A 229 -34.99 22.75 15.48
N TYR A 230 -35.11 24.06 15.69
CA TYR A 230 -34.89 24.61 17.03
C TYR A 230 -36.11 24.44 17.91
N ASP A 231 -37.32 24.54 17.31
CA ASP A 231 -38.54 24.36 18.08
C ASP A 231 -38.87 22.89 18.27
N LEU A 232 -38.80 22.10 17.20
CA LEU A 232 -39.10 20.68 17.27
C LEU A 232 -38.01 19.93 18.02
N MET A 240 -33.08 16.06 24.43
CA MET A 240 -33.73 17.36 24.30
C MET A 240 -34.24 17.56 22.88
N ASN A 241 -34.35 18.83 22.47
CA ASN A 241 -34.84 19.14 21.13
C ASN A 241 -33.79 18.74 20.09
N ARG A 242 -34.19 18.86 18.83
CA ARG A 242 -33.33 18.42 17.73
C ARG A 242 -32.06 19.27 17.63
N MET A 243 -32.18 20.58 17.85
CA MET A 243 -31.02 21.46 17.73
C MET A 243 -29.95 21.12 18.75
N HIS A 244 -30.35 20.77 19.98
CA HIS A 244 -29.36 20.39 20.98
C HIS A 244 -28.69 19.07 20.62
N ALA A 245 -29.43 18.13 20.02
CA ALA A 245 -28.81 16.89 19.56
C ALA A 245 -27.82 17.15 18.42
N SER A 246 -28.18 18.04 17.49
CA SER A 246 -27.25 18.40 16.43
C SER A 246 -25.99 19.07 16.99
N MET A 247 -26.15 19.94 17.99
CA MET A 247 -24.98 20.57 18.61
C MET A 247 -24.12 19.54 19.34
N LYS A 248 -24.75 18.56 19.99
CA LYS A 248 -23.97 17.52 20.66
C LYS A 248 -23.20 16.67 19.65
N LEU A 249 -23.82 16.35 18.52
CA LEU A 249 -23.12 15.57 17.49
C LEU A 249 -21.98 16.38 16.89
N PHE A 250 -22.20 17.68 16.66
CA PHE A 250 -21.14 18.53 16.14
C PHE A 250 -19.98 18.62 17.12
N ASP A 251 -20.27 18.80 18.41
CA ASP A 251 -19.21 18.82 19.40
C ASP A 251 -18.48 17.49 19.44
N SER A 252 -19.21 16.39 19.23
CA SER A 252 -18.59 15.07 19.28
C SER A 252 -17.60 14.88 18.14
N ILE A 253 -18.00 15.21 16.92
CA ILE A 253 -17.11 14.97 15.79
C ILE A 253 -16.02 16.04 15.65
N CYS A 254 -16.36 17.32 15.89
CA CYS A 254 -15.40 18.40 15.69
C CYS A 254 -14.22 18.33 16.63
N ASN A 255 -14.32 17.56 17.71
CA ASN A 255 -13.24 17.42 18.68
C ASN A 255 -12.71 15.99 18.73
N ASN A 256 -12.90 15.23 17.66
CA ASN A 256 -12.46 13.83 17.62
C ASN A 256 -10.94 13.77 17.46
N LYS A 257 -10.35 12.70 17.97
CA LYS A 257 -8.91 12.53 17.88
C LYS A 257 -8.46 12.20 16.46
N TRP A 258 -9.38 11.91 15.54
CA TRP A 258 -9.03 11.64 14.16
C TRP A 258 -9.28 12.82 13.24
N PHE A 259 -9.88 13.90 13.74
CA PHE A 259 -10.21 15.06 12.94
C PHE A 259 -9.65 16.33 13.57
N THR A 260 -8.44 16.24 14.12
CA THR A 260 -7.83 17.39 14.78
C THR A 260 -7.36 18.45 13.79
N ASP A 261 -7.40 18.17 12.49
CA ASP A 261 -6.99 19.16 11.50
C ASP A 261 -7.88 19.17 10.27
N THR A 262 -8.99 18.44 10.26
CA THR A 262 -9.86 18.39 9.09
C THR A 262 -10.85 19.56 9.13
N SER A 263 -10.91 20.31 8.03
CA SER A 263 -11.84 21.42 7.95
C SER A 263 -13.27 20.93 7.96
N ILE A 264 -14.18 21.81 8.36
CA ILE A 264 -15.60 21.50 8.47
C ILE A 264 -16.37 22.57 7.71
N ILE A 265 -17.31 22.14 6.88
CA ILE A 265 -18.17 23.02 6.11
C ILE A 265 -19.56 22.86 6.70
N LEU A 266 -20.01 23.86 7.44
CA LEU A 266 -21.32 23.82 8.08
C LEU A 266 -22.37 24.35 7.11
N PHE A 267 -23.39 23.54 6.85
CA PHE A 267 -24.51 23.93 6.01
C PHE A 267 -25.73 24.11 6.90
N LEU A 268 -26.12 25.36 7.14
CA LEU A 268 -27.32 25.68 7.91
C LEU A 268 -28.47 25.79 6.92
N ASN A 269 -29.17 24.68 6.72
CA ASN A 269 -30.17 24.57 5.68
C ASN A 269 -31.55 24.95 6.20
N LYS A 270 -32.50 25.05 5.27
CA LYS A 270 -33.91 25.28 5.56
C LYS A 270 -34.15 26.65 6.16
N LYS A 271 -33.40 27.66 5.72
CA LYS A 271 -33.61 29.01 6.20
C LYS A 271 -34.89 29.63 5.66
N ASP A 272 -35.41 29.12 4.54
CA ASP A 272 -36.59 29.72 3.92
C ASP A 272 -37.80 29.64 4.84
N LEU A 273 -38.04 28.49 5.44
CA LEU A 273 -39.15 28.35 6.37
C LEU A 273 -38.75 28.65 7.81
N PHE A 274 -37.45 28.69 8.11
CA PHE A 274 -37.02 29.22 9.39
C PHE A 274 -37.27 30.71 9.49
N GLU A 275 -37.30 31.41 8.34
CA GLU A 275 -37.60 32.83 8.35
C GLU A 275 -39.03 33.09 8.83
N GLU A 276 -39.95 32.15 8.57
CA GLU A 276 -41.33 32.31 8.99
C GLU A 276 -41.66 31.54 10.27
N LYS A 277 -40.81 30.58 10.66
CA LYS A 277 -41.03 29.88 11.91
C LYS A 277 -40.60 30.70 13.13
N ILE A 278 -39.98 31.87 12.91
CA ILE A 278 -39.59 32.74 14.02
C ILE A 278 -40.53 33.90 14.22
N LYS A 279 -41.40 34.20 13.24
CA LYS A 279 -42.42 35.24 13.44
C LYS A 279 -43.25 34.94 14.68
N LYS A 280 -43.59 33.67 14.89
CA LYS A 280 -44.10 33.18 16.15
C LYS A 280 -43.06 32.25 16.77
N SER A 281 -43.32 31.84 18.01
CA SER A 281 -42.43 30.94 18.74
C SER A 281 -41.00 31.47 18.75
N PRO A 282 -40.71 32.50 19.54
CA PRO A 282 -39.37 33.10 19.51
C PRO A 282 -38.28 32.10 19.86
N LEU A 283 -37.04 32.45 19.49
CA LEU A 283 -35.91 31.54 19.63
C LEU A 283 -35.64 31.15 21.08
N THR A 284 -36.21 31.88 22.04
CA THR A 284 -35.93 31.61 23.45
C THR A 284 -36.33 30.21 23.88
N ILE A 285 -37.16 29.52 23.10
CA ILE A 285 -37.55 28.15 23.44
C ILE A 285 -36.34 27.24 23.49
N CYS A 286 -35.45 27.34 22.49
CA CYS A 286 -34.27 26.50 22.44
C CYS A 286 -33.13 27.09 23.28
N TYR A 287 -32.76 28.34 23.00
CA TYR A 287 -31.69 29.00 23.72
C TYR A 287 -32.29 29.95 24.75
N PRO A 288 -32.29 29.61 26.04
CA PRO A 288 -32.85 30.52 27.05
C PRO A 288 -31.95 31.71 27.37
N GLU A 289 -30.71 31.71 26.92
CA GLU A 289 -29.78 32.80 27.16
C GLU A 289 -29.81 33.86 26.08
N TYR A 290 -30.71 33.75 25.10
CA TYR A 290 -30.79 34.71 24.02
C TYR A 290 -31.50 35.97 24.49
N ALA A 291 -30.86 37.12 24.28
CA ALA A 291 -31.41 38.41 24.68
C ALA A 291 -31.60 39.37 23.51
N GLY A 292 -31.31 38.93 22.28
CA GLY A 292 -31.41 39.79 21.13
C GLY A 292 -32.82 39.84 20.56
N SER A 293 -32.94 40.50 19.42
CA SER A 293 -34.22 40.65 18.75
C SER A 293 -34.64 39.35 18.08
N ASN A 294 -35.93 39.25 17.76
CA ASN A 294 -36.48 38.09 17.08
C ASN A 294 -36.41 38.21 15.56
N THR A 295 -35.50 39.03 15.04
CA THR A 295 -35.33 39.16 13.60
C THR A 295 -34.48 38.03 13.06
N TYR A 296 -34.70 37.70 11.79
CA TYR A 296 -33.98 36.58 11.17
C TYR A 296 -32.49 36.89 11.06
N GLU A 297 -32.15 38.08 10.57
CA GLU A 297 -30.75 38.44 10.33
C GLU A 297 -29.91 38.38 11.60
N GLU A 298 -30.54 38.50 12.77
CA GLU A 298 -29.82 38.43 14.04
C GLU A 298 -29.90 37.06 14.69
N ALA A 299 -31.06 36.41 14.64
CA ALA A 299 -31.19 35.07 15.22
C ALA A 299 -30.32 34.07 14.47
N ALA A 300 -30.30 34.16 13.14
CA ALA A 300 -29.45 33.27 12.36
C ALA A 300 -27.98 33.47 12.68
N ALA A 301 -27.54 34.71 12.81
CA ALA A 301 -26.16 34.98 13.20
C ALA A 301 -25.87 34.46 14.60
N TYR A 302 -26.83 34.58 15.52
CA TYR A 302 -26.63 34.04 16.86
C TYR A 302 -26.45 32.53 16.81
N ILE A 303 -27.28 31.84 16.02
CA ILE A 303 -27.14 30.39 15.90
C ILE A 303 -25.80 30.03 15.27
N GLN A 304 -25.37 30.79 14.26
CA GLN A 304 -24.10 30.53 13.62
C GLN A 304 -22.94 30.66 14.61
N CYS A 305 -22.96 31.72 15.42
CA CYS A 305 -21.90 31.87 16.43
C CYS A 305 -22.01 30.85 17.54
N GLN A 306 -23.21 30.37 17.84
CA GLN A 306 -23.36 29.27 18.81
C GLN A 306 -22.82 27.96 18.27
N PHE A 307 -22.82 27.78 16.96
CA PHE A 307 -22.24 26.59 16.35
C PHE A 307 -20.74 26.69 16.12
N GLU A 308 -20.25 27.86 15.68
CA GLU A 308 -18.82 28.05 15.49
C GLU A 308 -18.05 28.10 16.80
N ASP A 309 -18.74 28.00 17.93
CA ASP A 309 -18.11 27.64 19.18
C ASP A 309 -17.90 26.13 19.21
N LEU A 310 -17.59 25.59 20.38
CA LEU A 310 -17.39 24.15 20.58
C LEU A 310 -16.15 23.68 19.84
N ASN A 311 -15.47 24.60 19.16
CA ASN A 311 -14.26 24.29 18.39
C ASN A 311 -13.06 24.59 19.26
N LYS A 312 -12.67 23.60 20.08
CA LYS A 312 -11.54 23.77 20.97
C LYS A 312 -10.21 23.82 20.23
N ARG A 313 -10.16 23.30 19.00
CA ARG A 313 -8.95 23.40 18.19
C ARG A 313 -9.07 24.57 17.21
N LYS A 314 -9.14 25.79 17.75
CA LYS A 314 -9.34 26.96 16.90
C LYS A 314 -8.12 27.33 16.06
N ASP A 315 -6.99 26.65 16.25
CA ASP A 315 -5.77 26.98 15.54
C ASP A 315 -5.44 26.02 14.41
N THR A 316 -5.95 24.78 14.45
CA THR A 316 -5.63 23.79 13.43
C THR A 316 -6.67 23.67 12.33
N LYS A 317 -7.94 23.94 12.63
CA LYS A 317 -9.01 23.79 11.66
C LYS A 317 -9.86 25.05 11.61
N GLU A 318 -10.55 25.23 10.49
CA GLU A 318 -11.46 26.35 10.29
C GLU A 318 -12.86 25.82 10.02
N ILE A 319 -13.87 26.54 10.51
CA ILE A 319 -15.26 26.17 10.33
C ILE A 319 -15.87 27.13 9.33
N TYR A 320 -16.18 26.64 8.13
CA TYR A 320 -16.86 27.43 7.13
C TYR A 320 -18.36 27.23 7.29
N THR A 321 -19.12 28.30 7.06
CA THR A 321 -20.56 28.27 7.31
C THR A 321 -21.29 28.88 6.13
N HIS A 322 -22.47 28.35 5.83
CA HIS A 322 -23.26 28.79 4.69
C HIS A 322 -24.74 28.72 5.06
N PHE A 323 -25.50 29.72 4.60
CA PHE A 323 -26.94 29.76 4.81
C PHE A 323 -27.60 29.47 3.46
N THR A 324 -27.88 28.20 3.21
CA THR A 324 -28.45 27.80 1.94
C THR A 324 -29.95 27.59 2.00
N CYS A 325 -30.57 27.43 0.84
CA CYS A 325 -32.01 27.22 0.76
C CYS A 325 -32.21 26.05 -0.19
N SER A 326 -33.41 25.48 -0.20
CA SER A 326 -33.69 24.35 -1.08
C SER A 326 -33.48 24.76 -2.52
N THR A 327 -33.85 25.98 -2.88
CA THR A 327 -33.60 26.45 -4.23
C THR A 327 -32.38 27.38 -4.25
N ASP A 328 -31.18 26.80 -4.31
CA ASP A 328 -29.97 27.61 -4.29
C ASP A 328 -28.97 27.01 -5.27
N THR A 329 -28.39 27.85 -6.12
CA THR A 329 -27.48 27.41 -7.17
C THR A 329 -26.00 27.57 -6.77
N LYS A 330 -25.73 28.24 -5.66
CA LYS A 330 -24.36 28.51 -5.23
C LYS A 330 -23.86 27.54 -4.17
N ASN A 331 -24.54 26.41 -3.98
CA ASN A 331 -24.15 25.49 -2.92
C ASN A 331 -22.90 24.70 -3.27
N VAL A 332 -22.58 24.57 -4.56
CA VAL A 332 -21.40 23.82 -4.95
C VAL A 332 -20.20 24.75 -5.10
N GLN A 333 -20.42 26.01 -5.49
CA GLN A 333 -19.32 26.96 -5.56
C GLN A 333 -18.70 27.21 -4.19
N PHE A 334 -19.53 27.21 -3.13
CA PHE A 334 -19.01 27.44 -1.79
C PHE A 334 -18.13 26.29 -1.34
N VAL A 335 -18.56 25.05 -1.58
CA VAL A 335 -17.73 23.91 -1.19
C VAL A 335 -16.49 23.85 -2.06
N PHE A 336 -16.57 24.31 -3.31
CA PHE A 336 -15.38 24.40 -4.15
C PHE A 336 -14.37 25.36 -3.57
N ASP A 337 -14.82 26.56 -3.18
CA ASP A 337 -13.92 27.54 -2.58
C ASP A 337 -13.33 27.03 -1.28
N ALA A 338 -14.14 26.36 -0.45
CA ALA A 338 -13.64 25.84 0.81
C ALA A 338 -12.59 24.76 0.61
N VAL A 339 -12.82 23.84 -0.33
CA VAL A 339 -11.81 22.80 -0.55
C VAL A 339 -10.59 23.38 -1.24
N THR A 340 -10.75 24.45 -2.02
CA THR A 340 -9.57 25.13 -2.57
C THR A 340 -8.72 25.72 -1.46
N ASP A 341 -9.36 26.35 -0.46
CA ASP A 341 -8.61 26.85 0.68
C ASP A 341 -7.93 25.72 1.47
N VAL A 342 -8.61 24.59 1.63
CA VAL A 342 -8.01 23.46 2.33
C VAL A 342 -6.79 22.94 1.58
N ILE A 343 -6.90 22.84 0.25
CA ILE A 343 -5.79 22.38 -0.57
C ILE A 343 -4.63 23.37 -0.48
N ILE A 344 -4.92 24.67 -0.50
CA ILE A 344 -3.87 25.67 -0.41
C ILE A 344 -3.16 25.58 0.94
N LYS A 345 -3.92 25.34 2.02
CA LYS A 345 -3.29 25.21 3.32
C LYS A 345 -2.42 23.96 3.41
N ASN A 346 -2.89 22.85 2.84
CA ASN A 346 -2.06 21.65 2.81
C ASN A 346 -0.80 21.86 1.98
N ASN A 347 -0.90 22.62 0.89
CA ASN A 347 0.28 22.91 0.07
C ASN A 347 1.25 23.83 0.79
N LEU A 348 0.73 24.80 1.55
CA LEU A 348 1.61 25.65 2.36
C LEU A 348 2.33 24.83 3.42
N LYS A 349 1.64 23.86 4.03
CA LYS A 349 2.31 22.99 4.99
C LYS A 349 3.30 22.07 4.32
N ASP A 350 3.03 21.70 3.06
CA ASP A 350 3.92 20.78 2.35
C ASP A 350 5.20 21.48 1.90
N CYS A 351 5.06 22.61 1.20
CA CYS A 351 6.23 23.32 0.66
C CYS A 351 7.17 23.78 1.75
N GLY A 352 6.65 24.11 2.93
CA GLY A 352 7.47 24.53 4.04
C GLY A 352 7.27 25.94 4.51
N LEU A 353 6.30 26.67 3.95
CA LEU A 353 6.07 28.05 4.38
C LEU A 353 5.43 28.13 5.75
N PHE A 354 4.92 27.02 6.28
CA PHE A 354 4.37 26.99 7.63
C PHE A 354 5.40 26.45 8.61
N SER B 7 -44.93 -6.03 37.72
CA SER B 7 -44.47 -7.02 38.69
C SER B 7 -43.79 -8.18 37.99
N GLU B 8 -44.36 -8.62 36.86
CA GLU B 8 -43.79 -9.73 36.12
C GLU B 8 -42.41 -9.40 35.57
N LEU B 9 -42.23 -8.19 35.05
CA LEU B 9 -40.93 -7.79 34.52
C LEU B 9 -39.88 -7.79 35.62
N ASP B 10 -40.19 -7.19 36.77
CA ASP B 10 -39.23 -7.14 37.86
C ASP B 10 -38.98 -8.53 38.45
N GLN B 11 -40.00 -9.39 38.45
CA GLN B 11 -39.81 -10.75 38.94
C GLN B 11 -38.89 -11.54 38.03
N LEU B 12 -39.07 -11.40 36.70
CA LEU B 12 -38.12 -11.99 35.76
C LEU B 12 -36.72 -11.41 35.93
N ARG B 13 -36.62 -10.12 36.24
CA ARG B 13 -35.32 -9.50 36.45
C ARG B 13 -34.62 -10.09 37.68
N GLN B 14 -35.36 -10.25 38.77
CA GLN B 14 -34.79 -10.87 39.96
C GLN B 14 -34.42 -12.32 39.72
N GLU B 15 -35.21 -13.04 38.91
CA GLU B 15 -34.86 -14.41 38.56
C GLU B 15 -33.57 -14.46 37.76
N ALA B 16 -33.41 -13.53 36.80
CA ALA B 16 -32.17 -13.47 36.04
C ALA B 16 -30.99 -13.14 36.93
N GLU B 17 -31.17 -12.23 37.89
CA GLU B 17 -30.09 -11.92 38.82
C GLU B 17 -29.72 -13.12 39.68
N GLN B 18 -30.73 -13.89 40.13
CA GLN B 18 -30.44 -15.09 40.92
C GLN B 18 -29.69 -16.12 40.08
N LEU B 19 -30.06 -16.26 38.81
CA LEU B 19 -29.32 -17.18 37.93
C LEU B 19 -27.89 -16.73 37.72
N LYS B 20 -27.67 -15.43 37.51
CA LYS B 20 -26.31 -14.92 37.37
C LYS B 20 -25.51 -15.16 38.64
N ASN B 21 -26.14 -15.00 39.81
CA ASN B 21 -25.43 -15.21 41.06
C ASN B 21 -25.07 -16.68 41.24
N GLN B 22 -25.98 -17.59 40.91
CA GLN B 22 -25.65 -19.01 41.02
C GLN B 22 -24.58 -19.42 40.02
N ILE B 23 -24.58 -18.81 38.83
CA ILE B 23 -23.51 -19.07 37.87
C ILE B 23 -22.17 -18.60 38.42
N ARG B 24 -22.13 -17.39 38.99
CA ARG B 24 -20.90 -16.88 39.58
C ARG B 24 -20.42 -17.78 40.72
N ASP B 25 -21.35 -18.27 41.54
CA ASP B 25 -20.96 -19.16 42.64
C ASP B 25 -20.44 -20.49 42.13
N ALA B 26 -21.04 -21.04 41.07
CA ALA B 26 -20.51 -22.26 40.49
C ALA B 26 -19.11 -22.05 39.94
N ARG B 27 -18.90 -20.95 39.21
CA ARG B 27 -17.57 -20.67 38.67
C ARG B 27 -16.55 -20.49 39.79
N LYS B 28 -16.93 -19.80 40.87
CA LYS B 28 -16.00 -19.60 41.97
C LYS B 28 -15.74 -20.88 42.75
N ALA B 29 -16.70 -21.82 42.77
CA ALA B 29 -16.46 -23.11 43.40
C ALA B 29 -15.64 -24.03 42.52
N CYS B 30 -15.64 -23.82 41.20
CA CYS B 30 -14.80 -24.63 40.32
C CYS B 30 -13.34 -24.24 40.41
N ALA B 31 -13.04 -22.96 40.59
CA ALA B 31 -11.66 -22.51 40.66
C ALA B 31 -11.00 -22.99 41.95
N ASP B 32 -9.92 -23.75 41.81
CA ASP B 32 -9.18 -24.23 42.98
C ASP B 32 -7.70 -23.86 42.97
N ALA B 33 -7.10 -23.59 41.81
CA ALA B 33 -5.71 -23.18 41.74
C ALA B 33 -5.49 -22.44 40.43
N THR B 34 -5.01 -21.21 40.52
CA THR B 34 -4.80 -20.40 39.33
C THR B 34 -3.73 -21.02 38.43
N LEU B 35 -3.79 -20.67 37.15
CA LEU B 35 -2.81 -21.15 36.20
C LEU B 35 -1.40 -20.72 36.59
N SER B 36 -1.27 -19.56 37.24
CA SER B 36 0.04 -19.06 37.62
C SER B 36 0.65 -19.81 38.79
N GLN B 37 -0.12 -20.66 39.47
CA GLN B 37 0.42 -21.46 40.56
C GLN B 37 0.95 -22.81 40.11
N ILE B 38 0.38 -23.38 39.05
CA ILE B 38 0.86 -24.66 38.55
C ILE B 38 2.08 -24.50 37.64
N THR B 39 2.14 -23.42 36.86
CA THR B 39 3.22 -23.19 35.93
C THR B 39 4.30 -22.26 36.47
N ASN B 40 4.56 -22.31 37.78
CA ASN B 40 5.67 -21.56 38.35
C ASN B 40 6.97 -22.34 38.30
N ASN B 41 6.91 -23.64 38.04
CA ASN B 41 8.11 -24.48 38.00
C ASN B 41 8.65 -24.68 36.59
N ILE B 42 7.83 -24.49 35.55
CA ILE B 42 8.29 -24.74 34.20
C ILE B 42 9.33 -23.69 33.81
N ASP B 43 10.24 -24.09 32.92
CA ASP B 43 11.31 -23.19 32.51
C ASP B 43 10.74 -22.07 31.63
N PRO B 44 11.16 -20.83 31.83
CA PRO B 44 10.68 -19.75 30.97
C PRO B 44 11.46 -19.67 29.68
N VAL B 45 10.83 -19.09 28.68
CA VAL B 45 11.48 -18.88 27.39
C VAL B 45 12.34 -17.62 27.47
N GLY B 46 13.44 -17.62 26.74
CA GLY B 46 14.32 -16.48 26.70
C GLY B 46 13.72 -15.33 25.91
N ARG B 47 14.57 -14.38 25.56
CA ARG B 47 14.14 -13.26 24.73
C ARG B 47 13.91 -13.76 23.30
N ILE B 48 12.72 -13.49 22.76
CA ILE B 48 12.36 -13.97 21.44
C ILE B 48 12.79 -12.90 20.44
N GLN B 49 14.00 -13.05 19.90
CA GLN B 49 14.53 -12.15 18.89
C GLN B 49 14.03 -12.63 17.53
N MET B 50 13.23 -11.81 16.87
CA MET B 50 12.67 -12.16 15.56
C MET B 50 12.99 -11.04 14.58
N ARG B 51 13.65 -11.40 13.49
CA ARG B 51 14.07 -10.44 12.48
C ARG B 51 13.07 -10.40 11.34
N THR B 52 12.99 -9.25 10.69
CA THR B 52 12.17 -9.09 9.50
C THR B 52 12.89 -9.71 8.31
N ARG B 53 12.20 -10.62 7.62
CA ARG B 53 12.76 -11.28 6.44
C ARG B 53 12.26 -10.66 5.15
N ARG B 54 10.97 -10.35 5.08
CA ARG B 54 10.36 -9.78 3.89
C ARG B 54 9.65 -8.48 4.22
N THR B 55 9.31 -7.74 3.19
CA THR B 55 8.53 -6.51 3.32
C THR B 55 7.72 -6.34 2.04
N LEU B 56 6.42 -6.56 2.14
CA LEU B 56 5.54 -6.53 0.98
C LEU B 56 5.01 -5.11 0.83
N ARG B 57 5.58 -4.35 -0.11
CA ARG B 57 5.31 -2.93 -0.24
C ARG B 57 4.66 -2.65 -1.60
N GLY B 58 3.35 -2.81 -1.67
CA GLY B 58 2.60 -2.38 -2.83
C GLY B 58 1.34 -1.64 -2.46
N HIS B 59 0.95 -1.72 -1.19
CA HIS B 59 -0.24 -1.05 -0.71
C HIS B 59 0.06 0.42 -0.46
N LEU B 60 -0.91 1.28 -0.77
CA LEU B 60 -0.74 2.71 -0.61
C LEU B 60 -1.50 3.29 0.58
N ALA B 61 -2.73 2.86 0.82
CA ALA B 61 -3.49 3.33 1.97
C ALA B 61 -3.25 2.41 3.16
N LYS B 62 -4.07 2.55 4.19
CA LYS B 62 -3.90 1.77 5.40
C LYS B 62 -4.33 0.33 5.16
N ILE B 63 -3.54 -0.60 5.68
CA ILE B 63 -3.85 -2.02 5.56
C ILE B 63 -4.72 -2.44 6.73
N TYR B 64 -5.90 -2.98 6.43
CA TYR B 64 -6.84 -3.30 7.50
C TYR B 64 -6.90 -4.77 7.86
N ALA B 65 -6.62 -5.68 6.93
CA ALA B 65 -6.72 -7.10 7.21
C ALA B 65 -5.74 -7.88 6.35
N MET B 66 -5.26 -8.99 6.91
CA MET B 66 -4.48 -9.96 6.16
C MET B 66 -4.80 -11.36 6.66
N HIS B 67 -4.77 -12.33 5.74
CA HIS B 67 -5.00 -13.72 6.10
C HIS B 67 -4.02 -14.60 5.35
N TRP B 68 -3.46 -15.58 6.04
CA TRP B 68 -2.56 -16.53 5.42
C TRP B 68 -3.34 -17.58 4.64
N GLY B 69 -2.71 -18.09 3.57
CA GLY B 69 -3.22 -19.27 2.93
C GLY B 69 -2.90 -20.53 3.72
N THR B 70 -3.60 -21.61 3.39
CA THR B 70 -3.41 -22.85 4.13
C THR B 70 -2.07 -23.50 3.79
N ASP B 71 -1.56 -23.27 2.59
CA ASP B 71 -0.27 -23.83 2.20
C ASP B 71 0.91 -23.11 2.85
N SER B 72 0.65 -22.04 3.60
CA SER B 72 1.64 -21.28 4.35
C SER B 72 2.59 -20.51 3.44
N ARG B 73 2.20 -20.21 2.22
CA ARG B 73 3.06 -19.45 1.32
C ARG B 73 2.36 -18.24 0.72
N LEU B 74 1.07 -18.36 0.38
CA LEU B 74 0.32 -17.26 -0.19
C LEU B 74 -0.45 -16.53 0.90
N LEU B 75 -0.65 -15.23 0.72
CA LEU B 75 -1.46 -14.50 1.68
C LEU B 75 -2.19 -13.36 1.00
N VAL B 76 -3.40 -13.08 1.48
CA VAL B 76 -4.21 -11.99 0.96
C VAL B 76 -4.16 -10.82 1.93
N SER B 77 -4.14 -9.61 1.40
CA SER B 77 -4.17 -8.41 2.22
C SER B 77 -5.15 -7.42 1.61
N ALA B 78 -5.85 -6.68 2.47
CA ALA B 78 -6.86 -5.72 2.05
C ALA B 78 -6.50 -4.32 2.53
N SER B 79 -6.63 -3.35 1.64
CA SER B 79 -6.36 -1.98 2.02
C SER B 79 -7.36 -1.05 1.35
N GLN B 80 -7.57 0.10 2.00
CA GLN B 80 -8.62 1.05 1.66
C GLN B 80 -8.23 1.99 0.53
N ASP B 81 -7.31 1.53 -0.32
CA ASP B 81 -7.10 2.25 -1.58
C ASP B 81 -8.03 1.47 -2.52
N GLY B 82 -8.78 0.49 -1.95
CA GLY B 82 -9.66 -0.34 -2.75
C GLY B 82 -8.99 -1.54 -3.34
N LYS B 83 -8.07 -2.18 -2.63
CA LYS B 83 -7.24 -3.19 -3.25
C LYS B 83 -7.12 -4.43 -2.38
N LEU B 84 -7.20 -5.59 -3.04
CA LEU B 84 -7.08 -6.91 -2.41
C LEU B 84 -5.93 -7.61 -3.11
N ILE B 85 -4.77 -7.68 -2.46
CA ILE B 85 -3.57 -8.19 -3.11
C ILE B 85 -3.26 -9.60 -2.59
N ILE B 86 -3.06 -10.53 -3.51
CA ILE B 86 -2.55 -11.86 -3.21
C ILE B 86 -1.04 -11.83 -3.42
N TRP B 87 -0.30 -12.11 -2.36
CA TRP B 87 1.16 -12.10 -2.34
C TRP B 87 1.71 -13.51 -2.23
N ASP B 88 2.84 -13.72 -2.88
CA ASP B 88 3.71 -14.87 -2.65
C ASP B 88 4.76 -14.45 -1.63
N SER B 89 4.79 -15.12 -0.49
CA SER B 89 5.63 -14.65 0.62
C SER B 89 7.08 -15.12 0.50
N TYR B 90 7.37 -16.05 -0.41
CA TYR B 90 8.75 -16.51 -0.56
C TYR B 90 9.54 -15.60 -1.49
N THR B 91 8.99 -15.29 -2.66
CA THR B 91 9.66 -14.45 -3.63
C THR B 91 9.21 -13.01 -3.61
N THR B 92 8.23 -12.67 -2.77
CA THR B 92 7.68 -11.32 -2.57
C THR B 92 6.92 -10.91 -3.83
N ASN B 93 6.52 -11.87 -4.66
CA ASN B 93 5.84 -11.55 -5.90
C ASN B 93 4.36 -11.29 -5.66
N LYS B 94 3.79 -10.36 -6.41
CA LYS B 94 2.35 -10.12 -6.38
C LYS B 94 1.68 -11.12 -7.32
N VAL B 95 1.04 -12.12 -6.75
CA VAL B 95 0.33 -13.10 -7.58
C VAL B 95 -0.93 -12.51 -8.16
N HIS B 96 -1.72 -11.79 -7.36
CA HIS B 96 -2.96 -11.19 -7.87
C HIS B 96 -3.16 -9.81 -7.28
N ALA B 97 -3.91 -8.98 -8.01
CA ALA B 97 -4.39 -7.70 -7.52
C ALA B 97 -5.84 -7.55 -7.92
N ILE B 98 -6.74 -7.49 -6.95
CA ILE B 98 -8.18 -7.47 -7.16
C ILE B 98 -8.70 -6.08 -6.83
N PRO B 99 -9.34 -5.39 -7.78
CA PRO B 99 -9.95 -4.09 -7.47
C PRO B 99 -11.37 -4.27 -6.93
N LEU B 100 -11.63 -3.65 -5.79
CA LEU B 100 -12.89 -3.78 -5.10
C LEU B 100 -13.88 -2.71 -5.55
N ARG B 101 -15.17 -3.02 -5.44
CA ARG B 101 -16.20 -2.04 -5.76
C ARG B 101 -16.31 -0.99 -4.66
N SER B 102 -16.25 -1.42 -3.39
CA SER B 102 -16.26 -0.53 -2.25
C SER B 102 -14.86 -0.43 -1.66
N SER B 103 -14.37 0.79 -1.50
CA SER B 103 -13.03 0.99 -0.98
C SER B 103 -12.93 0.74 0.52
N TRP B 104 -14.05 0.76 1.23
CA TRP B 104 -14.05 0.71 2.69
C TRP B 104 -14.21 -0.74 3.12
N VAL B 105 -13.08 -1.44 3.27
CA VAL B 105 -13.07 -2.82 3.72
C VAL B 105 -12.45 -2.89 5.09
N MET B 106 -12.83 -3.92 5.86
CA MET B 106 -12.32 -4.12 7.20
C MET B 106 -11.90 -5.55 7.46
N THR B 107 -12.12 -6.47 6.54
CA THR B 107 -11.79 -7.87 6.75
C THR B 107 -11.58 -8.56 5.41
N CYS B 108 -10.83 -9.65 5.44
CA CYS B 108 -10.59 -10.48 4.26
C CYS B 108 -10.24 -11.87 4.73
N ALA B 109 -10.66 -12.87 3.95
CA ALA B 109 -10.42 -14.26 4.30
C ALA B 109 -9.90 -15.03 3.10
N TYR B 110 -9.09 -16.05 3.37
CA TYR B 110 -8.58 -16.96 2.37
C TYR B 110 -9.21 -18.33 2.60
N ALA B 111 -9.86 -18.88 1.58
CA ALA B 111 -10.51 -20.17 1.71
C ALA B 111 -9.47 -21.25 2.00
N PRO B 112 -9.81 -22.24 2.83
CA PRO B 112 -8.86 -23.31 3.14
C PRO B 112 -8.49 -24.17 1.94
N SER B 113 -9.23 -24.08 0.84
CA SER B 113 -8.87 -24.76 -0.40
C SER B 113 -7.99 -23.91 -1.29
N GLY B 114 -8.07 -22.59 -1.18
CA GLY B 114 -7.29 -21.70 -2.02
C GLY B 114 -8.00 -21.21 -3.26
N ASN B 115 -9.27 -21.59 -3.45
CA ASN B 115 -10.00 -21.24 -4.65
C ASN B 115 -10.72 -19.91 -4.55
N TYR B 116 -11.02 -19.45 -3.34
CA TYR B 116 -11.88 -18.29 -3.15
C TYR B 116 -11.24 -17.33 -2.14
N VAL B 117 -11.60 -16.06 -2.28
CA VAL B 117 -11.19 -15.02 -1.33
C VAL B 117 -12.42 -14.20 -0.95
N ALA B 118 -12.60 -13.96 0.34
CA ALA B 118 -13.72 -13.19 0.83
C ALA B 118 -13.27 -11.81 1.28
N CYS B 119 -14.16 -10.83 1.13
CA CYS B 119 -13.82 -9.46 1.50
C CYS B 119 -15.08 -8.70 1.89
N GLY B 120 -15.03 -8.03 3.05
CA GLY B 120 -16.17 -7.27 3.51
C GLY B 120 -15.75 -6.00 4.22
N GLY B 121 -16.69 -5.06 4.27
CA GLY B 121 -16.39 -3.77 4.87
C GLY B 121 -17.59 -2.94 5.30
N LEU B 122 -17.53 -1.64 5.04
CA LEU B 122 -18.57 -0.70 5.45
C LEU B 122 -19.75 -0.66 4.51
N ASP B 123 -19.79 -1.52 3.49
CA ASP B 123 -20.94 -1.57 2.58
C ASP B 123 -21.95 -2.63 2.97
N ASN B 124 -21.72 -3.36 4.06
CA ASN B 124 -22.61 -4.37 4.59
C ASN B 124 -22.74 -5.59 3.70
N ILE B 125 -21.72 -5.86 2.88
CA ILE B 125 -21.74 -6.95 1.91
C ILE B 125 -20.46 -7.76 2.06
N CYS B 126 -20.57 -9.08 1.99
CA CYS B 126 -19.41 -9.96 1.93
C CYS B 126 -19.28 -10.48 0.50
N SER B 127 -18.25 -10.04 -0.20
CA SER B 127 -18.03 -10.45 -1.58
C SER B 127 -17.10 -11.66 -1.61
N ILE B 128 -17.47 -12.64 -2.43
CA ILE B 128 -16.68 -13.86 -2.63
C ILE B 128 -16.15 -13.84 -4.05
N TYR B 129 -14.83 -13.87 -4.18
CA TYR B 129 -14.10 -13.78 -5.44
C TYR B 129 -13.50 -15.13 -5.78
N ASN B 130 -13.61 -15.52 -7.05
CA ASN B 130 -13.08 -16.79 -7.54
C ASN B 130 -11.69 -16.57 -8.14
N LEU B 131 -10.70 -17.30 -7.61
CA LEU B 131 -9.31 -17.12 -8.01
C LEU B 131 -8.87 -18.04 -9.13
N LYS B 132 -9.69 -19.01 -9.52
CA LYS B 132 -9.27 -20.07 -10.43
C LYS B 132 -10.27 -20.24 -11.56
N THR B 133 -10.63 -19.14 -12.21
CA THR B 133 -11.50 -19.23 -13.37
C THR B 133 -10.71 -19.66 -14.60
N ARG B 134 -11.44 -19.95 -15.68
CA ARG B 134 -10.81 -20.37 -16.92
C ARG B 134 -10.53 -19.22 -17.87
N GLU B 135 -11.07 -18.02 -17.60
CA GLU B 135 -10.80 -16.86 -18.43
C GLU B 135 -9.52 -16.14 -18.03
N GLY B 136 -8.87 -16.55 -16.94
CA GLY B 136 -7.58 -16.01 -16.55
C GLY B 136 -7.61 -15.02 -15.41
N ASN B 137 -8.61 -14.16 -15.36
CA ASN B 137 -8.70 -13.13 -14.33
C ASN B 137 -9.60 -13.59 -13.18
N VAL B 138 -9.44 -12.94 -12.04
CA VAL B 138 -10.30 -13.21 -10.89
C VAL B 138 -11.61 -12.46 -11.06
N ARG B 139 -12.70 -13.11 -10.66
CA ARG B 139 -14.03 -12.56 -10.85
C ARG B 139 -14.80 -12.70 -9.56
N VAL B 140 -15.71 -11.76 -9.30
CA VAL B 140 -16.56 -11.84 -8.12
C VAL B 140 -17.60 -12.92 -8.35
N SER B 141 -17.63 -13.91 -7.46
CA SER B 141 -18.60 -14.99 -7.60
C SER B 141 -19.91 -14.66 -6.90
N ARG B 142 -19.86 -14.29 -5.63
CA ARG B 142 -21.09 -14.02 -4.89
C ARG B 142 -21.00 -12.70 -4.14
N GLU B 143 -22.16 -12.14 -3.81
CA GLU B 143 -22.26 -10.95 -2.97
C GLU B 143 -23.30 -11.22 -1.88
N LEU B 144 -22.86 -11.75 -0.75
CA LEU B 144 -23.73 -12.03 0.38
C LEU B 144 -24.16 -10.71 1.00
N ALA B 145 -25.44 -10.38 0.87
CA ALA B 145 -25.99 -9.09 1.32
C ALA B 145 -27.25 -9.35 2.13
N GLY B 146 -27.09 -9.48 3.45
CA GLY B 146 -28.23 -9.62 4.33
C GLY B 146 -28.04 -8.90 5.65
N HIS B 147 -26.90 -8.24 5.82
CA HIS B 147 -26.60 -7.56 7.07
C HIS B 147 -27.09 -6.11 7.03
N THR B 148 -27.15 -5.51 8.21
CA THR B 148 -27.56 -4.11 8.35
C THR B 148 -26.48 -3.22 8.94
N GLY B 149 -25.35 -3.80 9.38
CA GLY B 149 -24.22 -3.03 9.84
C GLY B 149 -22.95 -3.55 9.21
N TYR B 150 -21.87 -2.77 9.38
CA TYR B 150 -20.61 -3.10 8.74
C TYR B 150 -20.14 -4.49 9.14
N LEU B 151 -19.40 -5.15 8.24
CA LEU B 151 -18.81 -6.43 8.55
C LEU B 151 -17.46 -6.23 9.21
N SER B 152 -17.20 -7.00 10.27
CA SER B 152 -15.95 -6.87 10.99
C SER B 152 -15.06 -8.11 10.90
N CYS B 153 -15.60 -9.24 10.47
CA CYS B 153 -14.81 -10.45 10.28
C CYS B 153 -15.60 -11.41 9.41
N CYS B 154 -14.88 -12.37 8.84
CA CYS B 154 -15.47 -13.43 8.03
C CYS B 154 -14.47 -14.57 7.94
N ARG B 155 -14.96 -15.79 7.94
CA ARG B 155 -14.11 -16.97 7.90
C ARG B 155 -14.81 -18.07 7.11
N PHE B 156 -14.06 -18.77 6.27
CA PHE B 156 -14.59 -19.91 5.55
C PHE B 156 -14.58 -21.14 6.44
N LEU B 157 -15.70 -21.87 6.46
CA LEU B 157 -15.68 -23.21 7.02
C LEU B 157 -15.22 -24.22 5.98
N ASP B 158 -15.79 -24.12 4.77
CA ASP B 158 -15.32 -24.84 3.60
C ASP B 158 -15.63 -23.96 2.40
N ASP B 159 -15.59 -24.55 1.20
CA ASP B 159 -15.80 -23.75 0.00
C ASP B 159 -17.24 -23.29 -0.18
N ASN B 160 -18.17 -23.76 0.66
CA ASN B 160 -19.57 -23.43 0.50
C ASN B 160 -20.19 -22.72 1.69
N GLN B 161 -19.51 -22.68 2.84
CA GLN B 161 -20.08 -22.08 4.04
C GLN B 161 -19.11 -21.07 4.62
N ILE B 162 -19.62 -19.86 4.89
CA ILE B 162 -18.83 -18.79 5.48
C ILE B 162 -19.63 -18.18 6.62
N VAL B 163 -18.94 -17.81 7.70
CA VAL B 163 -19.56 -17.16 8.85
C VAL B 163 -19.05 -15.73 8.92
N THR B 164 -19.97 -14.78 9.08
CA THR B 164 -19.63 -13.36 9.09
C THR B 164 -20.20 -12.69 10.33
N SER B 165 -19.37 -11.90 10.99
CA SER B 165 -19.80 -11.06 12.11
C SER B 165 -19.97 -9.62 11.65
N SER B 166 -21.03 -8.98 12.12
CA SER B 166 -21.41 -7.67 11.61
C SER B 166 -21.48 -6.68 12.76
N GLY B 167 -21.59 -5.40 12.37
CA GLY B 167 -21.74 -4.31 13.30
C GLY B 167 -23.16 -4.05 13.76
N ASP B 168 -24.08 -4.98 13.48
CA ASP B 168 -25.45 -4.91 13.97
C ASP B 168 -25.72 -5.95 15.05
N THR B 169 -24.67 -6.43 15.72
CA THR B 169 -24.69 -7.36 16.85
C THR B 169 -25.07 -8.78 16.44
N THR B 170 -25.14 -9.08 15.15
CA THR B 170 -25.59 -10.38 14.65
C THR B 170 -24.44 -11.10 13.94
N CYS B 171 -24.29 -12.38 14.22
CA CYS B 171 -23.45 -13.26 13.42
C CYS B 171 -24.32 -14.05 12.47
N ALA B 172 -23.77 -14.44 11.33
CA ALA B 172 -24.57 -15.15 10.34
C ALA B 172 -23.73 -16.22 9.65
N LEU B 173 -24.32 -17.41 9.51
CA LEU B 173 -23.72 -18.49 8.74
C LEU B 173 -24.46 -18.60 7.41
N TRP B 174 -23.72 -18.47 6.31
CA TRP B 174 -24.27 -18.34 4.97
C TRP B 174 -24.09 -19.63 4.18
N ASP B 175 -24.66 -19.63 2.98
CA ASP B 175 -24.47 -20.69 1.99
C ASP B 175 -24.10 -20.02 0.68
N ILE B 176 -22.85 -20.22 0.24
CA ILE B 176 -22.34 -19.48 -0.91
C ILE B 176 -23.17 -19.79 -2.15
N GLU B 177 -23.56 -21.05 -2.34
CA GLU B 177 -24.28 -21.44 -3.55
C GLU B 177 -25.62 -20.73 -3.64
N THR B 178 -26.47 -20.89 -2.63
CA THR B 178 -27.81 -20.29 -2.66
C THR B 178 -27.75 -18.79 -2.37
N GLY B 179 -26.91 -18.37 -1.44
CA GLY B 179 -26.75 -16.96 -1.12
C GLY B 179 -27.61 -16.45 0.02
N GLN B 180 -28.24 -17.33 0.77
CA GLN B 180 -29.07 -16.94 1.90
C GLN B 180 -28.44 -17.35 3.22
N GLN B 181 -28.87 -16.68 4.29
CA GLN B 181 -28.36 -16.97 5.62
C GLN B 181 -28.91 -18.31 6.09
N THR B 182 -28.03 -19.31 6.16
CA THR B 182 -28.45 -20.61 6.70
C THR B 182 -28.81 -20.49 8.18
N THR B 183 -28.08 -19.69 8.94
CA THR B 183 -28.31 -19.57 10.37
C THR B 183 -27.98 -18.17 10.83
N THR B 184 -28.71 -17.68 11.84
CA THR B 184 -28.47 -16.38 12.43
C THR B 184 -28.21 -16.55 13.92
N PHE B 185 -27.07 -16.07 14.38
CA PHE B 185 -26.68 -16.11 15.79
C PHE B 185 -26.89 -14.73 16.38
N THR B 186 -27.75 -14.65 17.40
CA THR B 186 -28.06 -13.40 18.07
C THR B 186 -27.91 -13.59 19.57
N GLY B 187 -27.70 -12.48 20.28
CA GLY B 187 -27.50 -12.53 21.71
C GLY B 187 -26.52 -11.49 22.22
N HIS B 188 -25.69 -10.95 21.33
CA HIS B 188 -24.82 -9.86 21.71
C HIS B 188 -25.60 -8.55 21.77
N THR B 189 -25.14 -7.64 22.63
CA THR B 189 -25.76 -6.33 22.77
C THR B 189 -24.94 -5.21 22.14
N GLY B 190 -23.62 -5.35 22.10
CA GLY B 190 -22.78 -4.47 21.30
C GLY B 190 -22.38 -5.16 20.02
N ASP B 191 -21.99 -4.35 19.04
CA ASP B 191 -21.65 -4.89 17.73
C ASP B 191 -20.41 -5.78 17.82
N VAL B 192 -20.43 -6.88 17.06
CA VAL B 192 -19.37 -7.90 17.16
C VAL B 192 -18.19 -7.43 16.34
N MET B 193 -16.98 -7.58 16.89
CA MET B 193 -15.79 -7.07 16.23
C MET B 193 -14.90 -8.14 15.63
N SER B 194 -15.00 -9.39 16.09
CA SER B 194 -14.16 -10.45 15.56
C SER B 194 -14.80 -11.79 15.86
N LEU B 195 -14.38 -12.80 15.11
CA LEU B 195 -14.77 -14.18 15.37
C LEU B 195 -13.56 -15.08 15.12
N SER B 196 -13.71 -16.35 15.48
CA SER B 196 -12.61 -17.30 15.33
C SER B 196 -13.17 -18.71 15.35
N LEU B 197 -12.97 -19.44 14.26
CA LEU B 197 -13.39 -20.83 14.22
C LEU B 197 -12.42 -21.71 14.99
N ALA B 198 -12.94 -22.80 15.53
CA ALA B 198 -12.11 -23.77 16.23
C ALA B 198 -11.34 -24.63 15.22
N PRO B 199 -10.31 -25.35 15.67
CA PRO B 199 -9.65 -26.31 14.75
C PRO B 199 -10.63 -27.23 14.05
N ASP B 200 -11.47 -27.94 14.81
CA ASP B 200 -12.64 -28.60 14.25
C ASP B 200 -13.78 -27.59 14.22
N THR B 201 -14.48 -27.52 13.09
CA THR B 201 -15.29 -26.33 12.81
C THR B 201 -16.69 -26.44 13.41
N ARG B 202 -16.83 -27.19 14.50
CA ARG B 202 -18.12 -27.30 15.16
C ARG B 202 -18.51 -26.02 15.89
N LEU B 203 -17.56 -25.40 16.59
CA LEU B 203 -17.84 -24.24 17.43
C LEU B 203 -17.06 -23.02 16.93
N PHE B 204 -17.44 -21.85 17.46
CA PHE B 204 -16.66 -20.65 17.22
C PHE B 204 -17.00 -19.59 18.25
N VAL B 205 -16.00 -18.81 18.65
CA VAL B 205 -16.19 -17.72 19.61
C VAL B 205 -16.33 -16.41 18.85
N SER B 206 -16.93 -15.42 19.52
CA SER B 206 -17.05 -14.09 18.96
C SER B 206 -17.06 -13.07 20.09
N GLY B 207 -16.30 -11.99 19.93
CA GLY B 207 -16.22 -10.94 20.92
C GLY B 207 -16.90 -9.67 20.44
N ALA B 208 -17.57 -8.98 21.36
CA ALA B 208 -18.37 -7.83 20.99
C ALA B 208 -17.95 -6.60 21.80
N CYS B 209 -18.50 -5.45 21.40
CA CYS B 209 -18.24 -4.19 22.08
C CYS B 209 -18.90 -4.09 23.45
N ASP B 210 -19.71 -5.08 23.83
CA ASP B 210 -20.32 -5.11 25.19
C ASP B 210 -19.37 -5.83 26.14
N ALA B 211 -18.10 -6.01 25.76
CA ALA B 211 -17.08 -6.66 26.57
C ALA B 211 -17.37 -8.13 26.84
N SER B 212 -18.13 -8.81 25.99
CA SER B 212 -18.44 -10.21 26.19
C SER B 212 -17.95 -11.04 25.01
N ALA B 213 -17.58 -12.28 25.30
CA ALA B 213 -17.17 -13.27 24.32
C ALA B 213 -18.10 -14.47 24.41
N LYS B 214 -18.84 -14.74 23.35
CA LYS B 214 -19.82 -15.82 23.33
C LYS B 214 -19.30 -16.98 22.48
N LEU B 215 -19.53 -18.19 22.96
CA LEU B 215 -19.12 -19.41 22.25
C LEU B 215 -20.35 -20.04 21.61
N TRP B 216 -20.48 -19.89 20.29
CA TRP B 216 -21.62 -20.43 19.56
C TRP B 216 -21.29 -21.80 18.98
N ASP B 217 -22.33 -22.58 18.79
CA ASP B 217 -22.26 -23.88 18.12
C ASP B 217 -22.83 -23.71 16.71
N VAL B 218 -22.08 -24.14 15.71
CA VAL B 218 -22.45 -23.85 14.32
C VAL B 218 -23.64 -24.70 13.89
N ARG B 219 -23.74 -25.93 14.37
CA ARG B 219 -24.80 -26.82 13.91
C ARG B 219 -26.15 -26.46 14.53
N GLU B 220 -26.20 -26.37 15.86
CA GLU B 220 -27.47 -26.10 16.52
C GLU B 220 -27.90 -24.64 16.43
N GLY B 221 -26.95 -23.73 16.19
CA GLY B 221 -27.29 -22.33 16.05
C GLY B 221 -27.50 -21.59 17.35
N MET B 222 -27.07 -22.15 18.48
CA MET B 222 -27.34 -21.59 19.79
C MET B 222 -26.05 -21.15 20.47
N CYS B 223 -26.18 -20.20 21.39
CA CYS B 223 -25.05 -19.77 22.20
C CYS B 223 -24.86 -20.77 23.34
N ARG B 224 -23.64 -21.27 23.49
CA ARG B 224 -23.37 -22.31 24.48
C ARG B 224 -22.87 -21.74 25.79
N GLN B 225 -21.90 -20.82 25.73
CA GLN B 225 -21.36 -20.19 26.93
C GLN B 225 -21.08 -18.72 26.65
N THR B 226 -20.94 -17.95 27.73
CA THR B 226 -20.63 -16.53 27.64
C THR B 226 -19.54 -16.21 28.66
N PHE B 227 -18.61 -15.35 28.27
CA PHE B 227 -17.48 -14.97 29.11
C PHE B 227 -17.41 -13.45 29.21
N THR B 228 -17.22 -12.95 30.42
CA THR B 228 -17.10 -11.52 30.67
C THR B 228 -15.95 -11.29 31.65
N GLY B 229 -14.84 -10.77 31.14
CA GLY B 229 -13.73 -10.39 32.00
C GLY B 229 -13.13 -9.06 31.66
N HIS B 230 -13.52 -8.50 30.52
CA HIS B 230 -12.92 -7.27 30.02
C HIS B 230 -13.77 -6.07 30.42
N GLU B 231 -13.11 -4.91 30.47
CA GLU B 231 -13.75 -3.67 30.87
C GLU B 231 -13.98 -2.71 29.71
N SER B 232 -13.80 -3.15 28.47
CA SER B 232 -14.01 -2.29 27.32
C SER B 232 -14.26 -3.16 26.10
N ASP B 233 -14.32 -2.49 24.94
CA ASP B 233 -14.63 -3.17 23.69
C ASP B 233 -13.59 -4.24 23.39
N ILE B 234 -14.04 -5.40 22.92
CA ILE B 234 -13.12 -6.47 22.55
C ILE B 234 -12.88 -6.40 21.05
N ASN B 235 -11.61 -6.27 20.67
CA ASN B 235 -11.26 -6.08 19.27
C ASN B 235 -10.63 -7.31 18.63
N ALA B 236 -10.05 -8.22 19.40
CA ALA B 236 -9.36 -9.37 18.83
C ALA B 236 -9.70 -10.62 19.61
N ILE B 237 -9.79 -11.75 18.91
CA ILE B 237 -10.10 -13.03 19.55
C ILE B 237 -9.43 -14.13 18.74
N CYS B 238 -8.97 -15.18 19.43
CA CYS B 238 -8.26 -16.25 18.75
C CYS B 238 -8.27 -17.52 19.59
N PHE B 239 -8.62 -18.64 18.98
CA PHE B 239 -8.58 -19.94 19.67
C PHE B 239 -7.16 -20.41 19.93
N PHE B 240 -6.99 -21.06 21.07
CA PHE B 240 -5.83 -21.88 21.33
C PHE B 240 -5.76 -22.99 20.28
N PRO B 241 -4.56 -23.42 19.86
CA PRO B 241 -4.47 -24.50 18.87
C PRO B 241 -5.18 -25.77 19.28
N ASN B 242 -5.34 -26.00 20.58
CA ASN B 242 -6.01 -27.21 21.06
C ASN B 242 -7.50 -27.17 20.81
N GLY B 243 -8.11 -25.98 20.84
CA GLY B 243 -9.55 -25.86 20.75
C GLY B 243 -10.28 -25.89 22.06
N ASN B 244 -9.57 -25.90 23.19
CA ASN B 244 -10.16 -25.93 24.52
C ASN B 244 -9.91 -24.64 25.29
N ALA B 245 -9.54 -23.56 24.60
CA ALA B 245 -9.32 -22.27 25.23
C ALA B 245 -9.26 -21.22 24.13
N PHE B 246 -9.18 -19.96 24.54
CA PHE B 246 -9.00 -18.88 23.58
C PHE B 246 -8.51 -17.64 24.30
N ALA B 247 -8.13 -16.63 23.52
CA ALA B 247 -7.58 -15.39 24.03
C ALA B 247 -8.28 -14.20 23.38
N THR B 248 -8.50 -13.17 24.18
CA THR B 248 -9.18 -11.96 23.75
C THR B 248 -8.30 -10.75 24.01
N GLY B 249 -8.46 -9.75 23.19
CA GLY B 249 -7.73 -8.50 23.33
C GLY B 249 -8.65 -7.32 23.12
N SER B 250 -8.68 -6.46 24.15
CA SER B 250 -9.67 -5.37 24.14
C SER B 250 -9.00 -4.00 24.20
N ASP B 251 -9.81 -2.96 24.32
CA ASP B 251 -9.34 -1.58 24.39
C ASP B 251 -8.79 -1.21 25.76
N ASP B 252 -9.04 -2.02 26.80
CA ASP B 252 -8.49 -1.73 28.11
C ASP B 252 -7.04 -2.15 28.26
N ALA B 253 -6.35 -2.41 27.15
CA ALA B 253 -4.91 -2.67 27.09
C ALA B 253 -4.51 -3.98 27.75
N THR B 254 -5.42 -4.96 27.82
CA THR B 254 -5.10 -6.26 28.39
C THR B 254 -5.44 -7.35 27.38
N CYS B 255 -4.79 -8.49 27.53
CA CYS B 255 -5.23 -9.72 26.89
C CYS B 255 -5.67 -10.70 27.97
N ARG B 256 -6.63 -11.55 27.64
CA ARG B 256 -7.15 -12.49 28.62
C ARG B 256 -7.30 -13.87 28.01
N LEU B 257 -6.96 -14.90 28.78
CA LEU B 257 -7.03 -16.27 28.30
C LEU B 257 -8.20 -16.97 28.99
N PHE B 258 -9.29 -17.16 28.25
CA PHE B 258 -10.45 -17.89 28.76
C PHE B 258 -10.33 -19.36 28.40
N ASP B 259 -10.95 -20.20 29.24
CA ASP B 259 -11.00 -21.63 29.01
C ASP B 259 -12.45 -22.04 28.77
N LEU B 260 -12.64 -23.11 28.00
CA LEU B 260 -14.00 -23.51 27.64
C LEU B 260 -14.59 -24.52 28.61
N ARG B 261 -13.76 -25.42 29.15
CA ARG B 261 -14.24 -26.46 30.05
C ARG B 261 -14.32 -25.99 31.50
N ALA B 262 -13.57 -24.94 31.86
CA ALA B 262 -13.66 -24.37 33.19
C ALA B 262 -14.60 -23.17 33.25
N ASP B 263 -14.91 -22.59 32.10
CA ASP B 263 -15.85 -21.49 31.91
C ASP B 263 -15.38 -20.18 32.54
N GLN B 264 -14.10 -20.07 32.90
CA GLN B 264 -13.59 -18.86 33.52
C GLN B 264 -12.20 -18.56 32.98
N GLU B 265 -11.81 -17.29 33.08
CA GLU B 265 -10.52 -16.87 32.56
C GLU B 265 -9.38 -17.46 33.39
N LEU B 266 -8.19 -17.50 32.80
CA LEU B 266 -7.04 -18.13 33.43
C LEU B 266 -5.86 -17.20 33.61
N MET B 267 -5.58 -16.34 32.64
CA MET B 267 -4.44 -15.44 32.72
C MET B 267 -4.81 -14.08 32.14
N THR B 268 -4.12 -13.06 32.64
CA THR B 268 -4.23 -11.69 32.13
C THR B 268 -2.84 -11.22 31.73
N TYR B 269 -2.71 -10.78 30.49
CA TYR B 269 -1.45 -10.30 29.93
C TYR B 269 -1.55 -8.78 29.87
N SER B 270 -0.88 -8.12 30.81
CA SER B 270 -0.94 -6.68 30.95
C SER B 270 0.38 -6.16 31.51
N HIS B 271 0.64 -4.88 31.27
CA HIS B 271 1.84 -4.24 31.78
C HIS B 271 1.51 -2.77 32.07
N ASP B 272 2.22 -2.20 33.05
CA ASP B 272 1.99 -0.81 33.41
C ASP B 272 2.35 0.14 32.28
N ASN B 273 3.44 -0.14 31.57
CA ASN B 273 3.89 0.73 30.49
C ASN B 273 3.02 0.64 29.25
N ILE B 274 2.02 -0.25 29.24
CA ILE B 274 1.14 -0.45 28.09
C ILE B 274 -0.23 0.10 28.45
N ILE B 275 -0.66 1.15 27.75
CA ILE B 275 -1.95 1.77 28.02
C ILE B 275 -2.72 1.93 26.72
N CYS B 276 -2.25 1.29 25.65
CA CYS B 276 -2.93 1.33 24.36
C CYS B 276 -3.71 0.03 24.12
N GLY B 277 -4.74 0.13 23.30
CA GLY B 277 -5.57 -1.02 23.03
C GLY B 277 -4.92 -2.00 22.09
N ILE B 278 -5.39 -3.25 22.16
CA ILE B 278 -4.93 -4.32 21.28
C ILE B 278 -5.78 -4.32 20.03
N THR B 279 -5.14 -4.44 18.87
CA THR B 279 -5.84 -4.51 17.60
C THR B 279 -5.95 -5.93 17.04
N SER B 280 -5.06 -6.83 17.46
CA SER B 280 -5.01 -8.16 16.87
C SER B 280 -4.26 -9.08 17.81
N VAL B 281 -4.55 -10.38 17.70
CA VAL B 281 -3.97 -11.37 18.58
C VAL B 281 -3.90 -12.69 17.81
N SER B 282 -2.86 -13.48 18.09
CA SER B 282 -2.68 -14.77 17.42
C SER B 282 -1.72 -15.61 18.23
N PHE B 283 -1.95 -16.92 18.21
CA PHE B 283 -1.13 -17.85 18.95
C PHE B 283 -0.01 -18.42 18.07
N SER B 284 0.96 -19.04 18.73
CA SER B 284 1.97 -19.80 18.02
C SER B 284 1.40 -21.15 17.61
N LYS B 285 2.25 -21.99 17.02
CA LYS B 285 1.81 -23.32 16.64
C LYS B 285 1.76 -24.25 17.86
N SER B 286 2.76 -24.17 18.73
CA SER B 286 2.75 -24.97 19.94
C SER B 286 1.74 -24.48 20.96
N GLY B 287 1.24 -23.25 20.80
CA GLY B 287 0.38 -22.64 21.78
C GLY B 287 1.11 -22.03 22.97
N ARG B 288 2.43 -21.87 22.88
CA ARG B 288 3.18 -21.31 23.99
C ARG B 288 3.29 -19.80 23.88
N LEU B 289 3.66 -19.30 22.71
CA LEU B 289 3.77 -17.86 22.53
C LEU B 289 2.41 -17.26 22.21
N LEU B 290 2.32 -15.94 22.39
CA LEU B 290 1.08 -15.21 22.17
C LEU B 290 1.45 -13.86 21.57
N LEU B 291 1.07 -13.66 20.32
CA LEU B 291 1.37 -12.44 19.59
C LEU B 291 0.22 -11.45 19.75
N ALA B 292 0.53 -10.23 20.16
CA ALA B 292 -0.51 -9.21 20.34
C ALA B 292 -0.05 -7.92 19.71
N GLY B 293 -0.81 -7.43 18.71
CA GLY B 293 -0.50 -6.17 18.08
C GLY B 293 -1.19 -5.01 18.80
N TYR B 294 -0.48 -3.89 18.91
CA TYR B 294 -0.90 -2.78 19.75
C TYR B 294 -1.03 -1.51 18.93
N ASP B 295 -1.60 -0.48 19.57
CA ASP B 295 -1.71 0.83 18.96
C ASP B 295 -0.45 1.67 19.12
N ASP B 296 0.45 1.30 20.01
CA ASP B 296 1.70 2.03 20.22
C ASP B 296 2.73 1.75 19.13
N PHE B 297 2.32 1.16 18.01
CA PHE B 297 3.08 0.87 16.80
C PHE B 297 3.93 -0.39 16.98
N ASN B 298 3.82 -1.08 18.09
CA ASN B 298 4.61 -2.26 18.38
C ASN B 298 3.76 -3.52 18.30
N CYS B 299 4.42 -4.67 18.40
CA CYS B 299 3.79 -5.94 18.65
C CYS B 299 4.52 -6.61 19.79
N ASN B 300 3.80 -7.32 20.64
CA ASN B 300 4.40 -7.93 21.82
C ASN B 300 4.22 -9.44 21.78
N VAL B 301 5.11 -10.15 22.45
CA VAL B 301 5.17 -11.61 22.42
C VAL B 301 5.23 -12.08 23.85
N TRP B 302 4.09 -12.54 24.36
CA TRP B 302 4.00 -13.16 25.68
C TRP B 302 4.19 -14.67 25.55
N ASP B 303 4.34 -15.33 26.68
CA ASP B 303 4.18 -16.77 26.76
C ASP B 303 2.97 -17.09 27.63
N ALA B 304 2.04 -17.87 27.09
CA ALA B 304 0.73 -18.02 27.71
C ALA B 304 0.80 -18.72 29.07
N LEU B 305 1.80 -19.59 29.27
CA LEU B 305 1.81 -20.39 30.49
C LEU B 305 2.25 -19.59 31.71
N LYS B 306 2.90 -18.44 31.51
CA LYS B 306 3.28 -17.54 32.59
C LYS B 306 3.39 -16.14 32.01
N ALA B 307 2.44 -15.28 32.34
CA ALA B 307 2.21 -14.04 31.61
C ALA B 307 3.31 -13.01 31.91
N ASP B 308 4.49 -13.28 31.37
CA ASP B 308 5.55 -12.28 31.31
C ASP B 308 5.96 -12.08 29.86
N ARG B 309 6.31 -10.84 29.52
CA ARG B 309 6.62 -10.49 28.15
C ARG B 309 7.96 -11.10 27.78
N ALA B 310 7.99 -11.84 26.67
CA ALA B 310 9.21 -12.49 26.22
C ALA B 310 9.81 -11.87 24.98
N GLY B 311 9.08 -11.05 24.24
CA GLY B 311 9.69 -10.43 23.08
C GLY B 311 8.89 -9.26 22.57
N VAL B 312 9.51 -8.51 21.66
CA VAL B 312 8.88 -7.34 21.05
C VAL B 312 9.23 -7.34 19.57
N LEU B 313 8.22 -7.10 18.72
CA LEU B 313 8.40 -6.93 17.29
C LEU B 313 8.15 -5.45 17.00
N ALA B 314 9.24 -4.72 16.79
CA ALA B 314 9.19 -3.30 16.47
C ALA B 314 9.71 -3.08 15.06
N GLY B 315 9.24 -2.02 14.42
CA GLY B 315 9.61 -1.79 13.04
C GLY B 315 8.45 -1.36 12.16
N HIS B 316 7.33 -1.03 12.77
CA HIS B 316 6.21 -0.42 12.07
C HIS B 316 6.08 1.03 12.50
N ASP B 317 5.65 1.89 11.58
CA ASP B 317 5.56 3.32 11.82
C ASP B 317 4.13 3.80 12.03
N ASN B 318 3.21 2.89 12.35
CA ASN B 318 1.84 3.24 12.67
C ASN B 318 1.20 2.07 13.38
N ARG B 319 -0.13 2.13 13.56
CA ARG B 319 -0.86 1.10 14.27
C ARG B 319 -0.72 -0.25 13.57
N VAL B 320 -0.41 -1.29 14.34
CA VAL B 320 -0.41 -2.65 13.81
C VAL B 320 -1.87 -3.11 13.73
N SER B 321 -2.43 -3.10 12.52
CA SER B 321 -3.85 -3.34 12.34
C SER B 321 -4.21 -4.81 12.18
N CYS B 322 -3.31 -5.63 11.63
CA CYS B 322 -3.60 -7.04 11.43
C CYS B 322 -2.34 -7.85 11.69
N LEU B 323 -2.54 -9.11 12.04
CA LEU B 323 -1.43 -9.96 12.47
C LEU B 323 -1.84 -11.41 12.33
N GLY B 324 -0.98 -12.21 11.69
CA GLY B 324 -1.28 -13.61 11.46
C GLY B 324 -0.08 -14.52 11.55
N VAL B 325 -0.27 -15.70 12.09
CA VAL B 325 0.78 -16.71 12.16
C VAL B 325 0.49 -17.76 11.10
N THR B 326 1.56 -18.29 10.49
CA THR B 326 1.40 -19.26 9.42
C THR B 326 1.16 -20.65 10.00
N ASP B 327 0.52 -21.51 9.20
CA ASP B 327 0.08 -22.81 9.70
C ASP B 327 1.23 -23.76 9.98
N ASP B 328 2.43 -23.48 9.50
CA ASP B 328 3.60 -24.26 9.88
C ASP B 328 4.20 -23.81 11.19
N GLY B 329 3.96 -22.56 11.58
CA GLY B 329 4.69 -21.98 12.69
C GLY B 329 6.00 -21.37 12.28
N MET B 330 6.20 -21.11 10.99
CA MET B 330 7.48 -20.64 10.49
C MET B 330 7.60 -19.12 10.57
N ALA B 331 6.58 -18.40 10.13
CA ALA B 331 6.65 -16.95 9.99
C ALA B 331 5.46 -16.28 10.63
N VAL B 332 5.61 -14.99 10.92
CA VAL B 332 4.53 -14.15 11.42
C VAL B 332 4.41 -12.94 10.50
N ALA B 333 3.24 -12.75 9.92
CA ALA B 333 3.00 -11.57 9.11
C ALA B 333 2.28 -10.51 9.95
N THR B 334 2.71 -9.27 9.82
CA THR B 334 2.08 -8.14 10.49
C THR B 334 1.82 -7.06 9.46
N GLY B 335 0.62 -6.51 9.46
CA GLY B 335 0.29 -5.36 8.65
C GLY B 335 0.15 -4.15 9.53
N SER B 336 -0.04 -2.99 8.90
CA SER B 336 -0.10 -1.76 9.67
C SER B 336 -0.71 -0.65 8.83
N TRP B 337 -0.97 0.47 9.50
CA TRP B 337 -1.53 1.65 8.86
C TRP B 337 -0.49 2.43 8.05
N ASP B 338 0.79 2.04 8.12
CA ASP B 338 1.82 2.64 7.28
C ASP B 338 1.93 1.95 5.92
N SER B 339 1.02 1.04 5.61
CA SER B 339 0.85 0.43 4.28
C SER B 339 1.97 -0.56 3.94
N PHE B 340 2.58 -1.17 4.95
CA PHE B 340 3.61 -2.18 4.73
C PHE B 340 3.28 -3.45 5.49
N LEU B 341 3.37 -4.59 4.81
CA LEU B 341 3.35 -5.89 5.45
C LEU B 341 4.78 -6.33 5.73
N LYS B 342 4.95 -7.07 6.82
CA LYS B 342 6.28 -7.55 7.18
C LYS B 342 6.17 -8.99 7.66
N ILE B 343 7.06 -9.85 7.17
CA ILE B 343 7.17 -11.23 7.62
C ILE B 343 8.34 -11.31 8.58
N TRP B 344 8.11 -11.95 9.74
CA TRP B 344 9.18 -12.10 10.75
C TRP B 344 9.48 -13.59 10.93
N ASN B 345 10.65 -13.92 11.49
CA ASN B 345 11.04 -15.35 11.64
C ASN B 345 12.20 -15.46 12.64
N ASN C 5 -44.68 -4.00 29.47
CA ASN C 5 -44.33 -3.99 28.06
C ASN C 5 -44.12 -5.41 27.54
N THR C 6 -44.93 -5.80 26.57
CA THR C 6 -44.88 -7.18 26.06
C THR C 6 -43.55 -7.50 25.39
N ALA C 7 -43.01 -6.57 24.62
CA ALA C 7 -41.73 -6.80 23.96
C ALA C 7 -40.62 -7.03 25.00
N SER C 8 -40.57 -6.19 26.03
CA SER C 8 -39.58 -6.37 27.09
C SER C 8 -39.83 -7.63 27.89
N ILE C 9 -41.10 -8.03 28.05
CA ILE C 9 -41.39 -9.27 28.75
C ILE C 9 -40.86 -10.47 27.97
N ALA C 10 -41.07 -10.48 26.65
CA ALA C 10 -40.52 -11.56 25.83
C ALA C 10 -39.00 -11.53 25.82
N GLN C 11 -38.41 -10.33 25.80
CA GLN C 11 -36.96 -10.21 25.87
C GLN C 11 -36.42 -10.82 27.17
N ALA C 12 -37.03 -10.47 28.30
CA ALA C 12 -36.58 -11.00 29.58
C ALA C 12 -36.80 -12.51 29.66
N ARG C 13 -37.89 -13.02 29.06
CA ARG C 13 -38.12 -14.45 29.07
C ARG C 13 -37.06 -15.19 28.27
N LYS C 14 -36.74 -14.67 27.07
CA LYS C 14 -35.66 -15.27 26.28
C LYS C 14 -34.33 -15.20 27.03
N LEU C 15 -34.05 -14.08 27.70
CA LEU C 15 -32.80 -13.93 28.42
C LEU C 15 -32.70 -14.93 29.56
N VAL C 16 -33.78 -15.09 30.33
CA VAL C 16 -33.73 -16.01 31.47
C VAL C 16 -33.69 -17.45 30.97
N GLU C 17 -34.32 -17.75 29.83
CA GLU C 17 -34.20 -19.09 29.28
C GLU C 17 -32.78 -19.39 28.84
N GLN C 18 -32.13 -18.43 28.18
CA GLN C 18 -30.74 -18.60 27.80
C GLN C 18 -29.85 -18.79 29.03
N LEU C 19 -30.06 -17.98 30.08
CA LEU C 19 -29.26 -18.12 31.28
C LEU C 19 -29.52 -19.45 31.98
N LYS C 20 -30.75 -19.98 31.89
CA LYS C 20 -31.03 -21.29 32.46
C LYS C 20 -30.32 -22.39 31.70
N MET C 21 -30.40 -22.35 30.36
CA MET C 21 -29.68 -23.33 29.55
C MET C 21 -28.18 -23.24 29.75
N GLU C 22 -27.66 -22.06 30.04
CA GLU C 22 -26.23 -21.88 30.23
C GLU C 22 -25.77 -22.26 31.64
N ALA C 23 -26.66 -22.14 32.63
CA ALA C 23 -26.25 -22.41 34.01
C ALA C 23 -26.05 -23.90 34.27
N ASN C 24 -26.81 -24.75 33.57
CA ASN C 24 -26.74 -26.19 33.79
C ASN C 24 -25.82 -26.81 32.74
N ILE C 25 -24.52 -26.67 32.97
CA ILE C 25 -23.50 -27.35 32.18
C ILE C 25 -22.48 -27.94 33.15
N ASP C 26 -21.69 -28.87 32.65
CA ASP C 26 -20.66 -29.51 33.46
C ASP C 26 -19.36 -28.73 33.35
N ARG C 27 -18.74 -28.44 34.49
CA ARG C 27 -17.48 -27.69 34.54
C ARG C 27 -16.44 -28.50 35.29
N ILE C 28 -15.24 -28.57 34.72
CA ILE C 28 -14.12 -29.20 35.42
C ILE C 28 -13.32 -28.13 36.16
N LYS C 29 -12.58 -28.56 37.17
CA LYS C 29 -11.80 -27.63 37.97
C LYS C 29 -10.72 -26.96 37.12
N VAL C 30 -10.27 -25.80 37.57
CA VAL C 30 -9.26 -25.04 36.84
C VAL C 30 -7.93 -25.78 36.84
N SER C 31 -7.67 -26.59 37.87
CA SER C 31 -6.43 -27.36 37.93
C SER C 31 -6.30 -28.28 36.72
N LYS C 32 -7.38 -28.97 36.37
CA LYS C 32 -7.32 -29.92 35.25
C LYS C 32 -7.17 -29.20 33.91
N ALA C 33 -7.89 -28.11 33.70
CA ALA C 33 -7.76 -27.37 32.45
C ALA C 33 -6.36 -26.78 32.32
N ALA C 34 -5.80 -26.29 33.42
CA ALA C 34 -4.44 -25.78 33.40
C ALA C 34 -3.44 -26.88 33.10
N ALA C 35 -3.60 -28.05 33.72
CA ALA C 35 -2.71 -29.17 33.43
C ALA C 35 -2.81 -29.61 31.99
N ASP C 36 -4.01 -29.55 31.40
CA ASP C 36 -4.16 -29.93 30.00
C ASP C 36 -3.52 -28.93 29.07
N LEU C 37 -3.70 -27.63 29.32
CA LEU C 37 -3.01 -26.62 28.53
C LEU C 37 -1.50 -26.78 28.62
N MET C 38 -0.99 -27.04 29.82
CA MET C 38 0.45 -27.20 30.01
C MET C 38 0.96 -28.44 29.29
N ALA C 39 0.21 -29.54 29.36
CA ALA C 39 0.62 -30.76 28.68
C ALA C 39 0.61 -30.58 27.17
N TYR C 40 -0.38 -29.86 26.62
CA TYR C 40 -0.39 -29.65 25.19
C TYR C 40 0.73 -28.70 24.75
N CYS C 41 1.05 -27.72 25.59
CA CYS C 41 2.16 -26.82 25.24
C CYS C 41 3.50 -27.53 25.34
N GLU C 42 3.61 -28.54 26.20
CA GLU C 42 4.87 -29.24 26.34
C GLU C 42 5.02 -30.34 25.30
N ALA C 43 3.91 -30.93 24.86
CA ALA C 43 3.99 -32.06 23.93
C ALA C 43 4.35 -31.62 22.52
N HIS C 44 4.13 -30.35 22.17
CA HIS C 44 4.41 -29.84 20.84
C HIS C 44 5.51 -28.77 20.86
N ALA C 45 6.48 -28.90 21.77
CA ALA C 45 7.52 -27.89 21.88
C ALA C 45 8.44 -27.89 20.67
N LYS C 46 9.06 -29.05 20.38
CA LYS C 46 10.06 -29.14 19.33
C LYS C 46 9.52 -28.88 17.94
N GLU C 47 8.21 -28.94 17.75
CA GLU C 47 7.61 -28.68 16.44
C GLU C 47 7.20 -27.23 16.25
N ASP C 48 7.75 -26.32 17.05
CA ASP C 48 7.43 -24.89 16.95
C ASP C 48 8.66 -24.11 16.50
N PRO C 49 8.69 -23.66 15.25
CA PRO C 49 9.87 -22.90 14.78
C PRO C 49 10.03 -21.55 15.45
N LEU C 50 8.95 -20.89 15.85
CA LEU C 50 9.06 -19.60 16.50
C LEU C 50 9.60 -19.69 17.91
N LEU C 51 9.25 -20.75 18.64
CA LEU C 51 9.80 -20.96 19.97
C LEU C 51 11.28 -21.32 19.90
N THR C 52 11.59 -22.42 19.22
CA THR C 52 12.98 -22.83 19.00
C THR C 52 13.31 -22.63 17.53
N PRO C 53 14.13 -21.64 17.17
CA PRO C 53 14.34 -21.35 15.75
C PRO C 53 15.05 -22.49 15.03
N VAL C 54 14.61 -22.75 13.80
CA VAL C 54 15.17 -23.81 12.98
C VAL C 54 16.50 -23.33 12.39
N PRO C 55 17.40 -24.24 12.01
CA PRO C 55 18.64 -23.81 11.33
C PRO C 55 18.33 -23.08 10.04
N ALA C 56 19.30 -22.28 9.57
CA ALA C 56 19.11 -21.52 8.35
C ALA C 56 19.02 -22.39 7.11
N SER C 57 19.19 -23.70 7.25
CA SER C 57 19.05 -24.59 6.11
C SER C 57 17.58 -24.76 5.72
N GLU C 58 16.75 -25.15 6.67
CA GLU C 58 15.33 -25.39 6.42
C GLU C 58 14.46 -24.18 6.74
N ASN C 59 15.06 -22.97 6.72
CA ASN C 59 14.27 -21.74 6.96
C ASN C 59 13.80 -21.21 5.61
N PRO C 60 12.53 -21.37 5.21
CA PRO C 60 12.07 -20.97 3.88
C PRO C 60 12.11 -19.47 3.61
N PHE C 61 12.55 -18.66 4.58
CA PHE C 61 12.52 -17.21 4.44
C PHE C 61 13.91 -16.59 4.51
N ARG C 62 14.95 -17.40 4.59
CA ARG C 62 16.33 -16.92 4.65
C ARG C 62 16.69 -16.11 3.40
N GLN D 39 45.98 35.59 8.71
CA GLN D 39 45.20 34.38 8.37
C GLN D 39 43.75 34.55 8.86
N LEU D 40 43.12 35.67 8.52
CA LEU D 40 41.69 35.90 8.89
C LEU D 40 40.77 34.92 8.16
N LEU D 41 41.06 34.62 6.89
CA LEU D 41 40.14 33.77 6.06
C LEU D 41 39.96 32.34 6.59
N PRO D 42 40.99 31.57 7.01
CA PRO D 42 40.79 30.17 7.41
C PRO D 42 39.83 29.84 8.56
N PRO D 43 39.78 30.56 9.71
CA PRO D 43 38.80 30.27 10.75
C PRO D 43 37.38 30.46 10.20
N LEU D 44 37.17 31.53 9.42
CA LEU D 44 35.84 31.78 8.81
C LEU D 44 35.53 30.64 7.84
N TYR D 45 36.52 30.24 7.02
CA TYR D 45 36.30 29.18 6.00
C TYR D 45 36.00 27.84 6.69
N SER D 46 36.72 27.53 7.77
CA SER D 46 36.50 26.25 8.49
C SER D 46 35.08 26.24 9.06
N LEU D 47 34.60 27.38 9.57
CA LEU D 47 33.26 27.42 10.21
C LEU D 47 32.18 27.19 9.14
N VAL D 48 32.28 27.90 8.01
CA VAL D 48 31.25 27.75 6.94
C VAL D 48 31.32 26.33 6.37
N PHE D 49 32.53 25.79 6.21
CA PHE D 49 32.70 24.41 5.66
C PHE D 49 31.96 23.41 6.54
N VAL D 50 32.18 23.46 7.86
CA VAL D 50 31.58 22.46 8.78
C VAL D 50 30.07 22.71 8.86
N ILE D 51 29.66 23.92 9.23
CA ILE D 51 28.21 24.21 9.44
C ILE D 51 27.43 23.81 8.19
N GLY D 52 27.85 24.30 7.01
CA GLY D 52 27.11 24.01 5.77
C GLY D 52 27.08 22.52 5.48
N LEU D 53 28.21 21.83 5.67
CA LEU D 53 28.29 20.37 5.38
C LEU D 53 27.31 19.64 6.30
N VAL D 54 27.27 20.02 7.59
CA VAL D 54 26.37 19.34 8.56
C VAL D 54 24.91 19.58 8.15
N GLY D 55 24.57 20.81 7.75
CA GLY D 55 23.19 21.14 7.37
C GLY D 55 22.74 20.38 6.14
N ASN D 56 23.56 20.35 5.08
CA ASN D 56 23.20 19.68 3.81
C ASN D 56 23.04 18.18 4.03
N ILE D 57 23.93 17.58 4.83
CA ILE D 57 23.87 16.11 5.10
C ILE D 57 22.54 15.81 5.81
N LEU D 58 22.17 16.65 6.79
CA LEU D 58 20.90 16.40 7.52
C LEU D 58 19.74 16.47 6.54
N VAL D 59 19.76 17.48 5.66
CA VAL D 59 18.61 17.66 4.70
C VAL D 59 18.54 16.41 3.82
N VAL D 60 19.69 15.94 3.31
CA VAL D 60 19.70 14.78 2.37
C VAL D 60 19.15 13.56 3.12
N LEU D 61 19.60 13.35 4.37
CA LEU D 61 19.18 12.14 5.11
C LEU D 61 17.66 12.20 5.30
N VAL D 62 17.13 13.36 5.71
CA VAL D 62 15.66 13.37 5.97
C VAL D 62 14.92 13.15 4.65
N LEU D 63 15.37 13.76 3.55
CA LEU D 63 14.61 13.65 2.27
C LEU D 63 14.65 12.21 1.76
N VAL D 64 15.84 11.58 1.75
CA VAL D 64 16.01 10.17 1.30
C VAL D 64 15.27 9.22 2.25
N GLN D 65 15.46 9.35 3.58
CA GLN D 65 14.85 8.37 4.51
C GLN D 65 13.33 8.36 4.34
N TYR D 66 12.69 9.52 4.38
CA TYR D 66 11.23 9.60 4.24
C TYR D 66 10.83 9.65 2.78
N LYS D 67 10.91 8.51 2.11
CA LYS D 67 10.58 8.41 0.66
C LYS D 67 9.10 8.76 0.45
N ARG D 68 8.22 8.31 1.35
CA ARG D 68 6.76 8.55 1.21
C ARG D 68 6.47 9.99 0.77
N LEU D 69 7.37 10.94 1.05
CA LEU D 69 7.15 12.31 0.59
C LEU D 69 7.95 12.55 -0.68
N LYS D 70 7.60 11.83 -1.73
CA LYS D 70 8.30 11.97 -2.99
C LYS D 70 7.43 12.81 -3.90
N ASN D 71 7.85 14.04 -4.08
CA ASN D 71 7.13 15.01 -4.87
C ASN D 71 8.10 16.00 -5.47
N MET D 72 7.59 16.98 -6.20
CA MET D 72 8.46 17.95 -6.85
C MET D 72 9.26 18.79 -5.87
N THR D 73 8.68 19.14 -4.72
CA THR D 73 9.36 19.97 -3.74
C THR D 73 10.58 19.24 -3.18
N SER D 74 10.40 17.96 -2.85
CA SER D 74 11.46 17.14 -2.28
C SER D 74 12.60 16.95 -3.26
N ILE D 75 12.26 16.67 -4.54
CA ILE D 75 13.30 16.44 -5.57
C ILE D 75 14.17 17.69 -5.70
N TYR D 76 13.53 18.86 -5.85
CA TYR D 76 14.29 20.13 -6.01
C TYR D 76 15.10 20.41 -4.74
N LEU D 77 14.52 20.16 -3.56
CA LEU D 77 15.24 20.43 -2.28
C LEU D 77 16.43 19.48 -2.17
N LEU D 78 16.28 18.24 -2.64
CA LEU D 78 17.40 17.25 -2.60
C LEU D 78 18.54 17.77 -3.49
N ASN D 79 18.20 18.34 -4.66
CA ASN D 79 19.20 18.82 -5.57
C ASN D 79 19.84 20.10 -5.08
N LEU D 80 19.10 20.92 -4.34
CA LEU D 80 19.72 22.13 -3.82
C LEU D 80 20.77 21.71 -2.81
N ALA D 81 20.45 20.72 -1.94
CA ALA D 81 21.43 20.26 -0.96
C ALA D 81 22.67 19.71 -1.66
N ILE D 82 22.49 19.01 -2.78
CA ILE D 82 23.62 18.47 -3.52
C ILE D 82 24.49 19.60 -4.07
N SER D 83 23.87 20.59 -4.71
CA SER D 83 24.62 21.73 -5.30
C SER D 83 25.49 22.37 -4.22
N ASP D 84 24.92 22.62 -3.04
CA ASP D 84 25.69 23.26 -1.94
C ASP D 84 26.85 22.35 -1.53
N LEU D 85 26.61 21.04 -1.44
CA LEU D 85 27.68 20.11 -1.01
C LEU D 85 28.84 20.15 -2.02
N LEU D 86 28.54 20.18 -3.31
CA LEU D 86 29.59 20.24 -4.37
C LEU D 86 30.38 21.54 -4.23
N PHE D 87 29.68 22.65 -3.94
CA PHE D 87 30.34 23.97 -3.81
C PHE D 87 31.20 23.98 -2.54
N LEU D 88 30.64 23.55 -1.40
CA LEU D 88 31.36 23.50 -0.14
C LEU D 88 32.56 22.59 -0.24
N PHE D 89 32.45 21.53 -1.04
CA PHE D 89 33.52 20.59 -1.33
C PHE D 89 34.83 21.26 -1.70
N THR D 90 34.77 22.43 -2.34
CA THR D 90 36.01 23.09 -2.83
C THR D 90 36.74 23.82 -1.69
N LEU D 91 36.11 23.95 -0.51
CA LEU D 91 36.71 24.74 0.61
C LEU D 91 38.06 24.23 1.08
N PRO D 92 38.29 22.92 1.36
CA PRO D 92 39.57 22.47 1.92
C PRO D 92 40.72 22.82 0.97
N PHE D 93 40.51 22.70 -0.34
CA PHE D 93 41.56 23.05 -1.33
C PHE D 93 41.90 24.53 -1.21
N TRP D 94 40.89 25.39 -1.06
CA TRP D 94 41.12 26.86 -0.93
C TRP D 94 41.76 27.17 0.42
N ILE D 95 41.22 26.61 1.50
CA ILE D 95 41.75 26.88 2.83
C ILE D 95 43.22 26.51 2.87
N ASP D 96 43.50 25.25 2.55
CA ASP D 96 44.85 24.71 2.65
C ASP D 96 45.81 25.47 1.75
N TYR D 97 45.34 25.76 0.54
CA TYR D 97 46.16 26.46 -0.44
C TYR D 97 46.56 27.87 -0.01
N LYS D 98 45.63 28.61 0.58
CA LYS D 98 45.96 29.97 0.99
C LYS D 98 47.06 30.01 2.04
N LEU D 99 46.98 29.14 3.03
CA LEU D 99 48.01 29.12 4.07
C LEU D 99 49.35 28.69 3.49
N LYS D 100 49.30 27.63 2.69
CA LYS D 100 50.50 27.09 2.03
C LYS D 100 51.10 28.01 0.97
N ASP D 101 50.21 28.65 0.20
CA ASP D 101 50.56 29.55 -0.91
C ASP D 101 51.40 28.84 -1.98
N ASP D 102 51.07 27.57 -2.25
CA ASP D 102 51.79 26.78 -3.28
C ASP D 102 50.85 25.67 -3.72
N TRP D 103 50.38 25.73 -4.98
CA TRP D 103 49.40 24.71 -5.45
C TRP D 103 50.07 23.34 -5.44
N VAL D 104 49.58 22.42 -4.62
CA VAL D 104 50.22 21.08 -4.49
C VAL D 104 49.54 20.11 -5.47
N PHE D 105 48.63 20.60 -6.31
CA PHE D 105 47.86 19.67 -7.18
C PHE D 105 48.22 19.77 -8.67
N GLY D 106 47.62 18.89 -9.49
CA GLY D 106 47.86 18.82 -10.92
C GLY D 106 46.86 19.65 -11.70
N ASP D 107 47.10 19.80 -13.01
CA ASP D 107 46.19 20.57 -13.87
C ASP D 107 44.79 20.00 -13.87
N ALA D 108 44.73 18.67 -13.95
CA ALA D 108 43.49 17.90 -13.99
C ALA D 108 42.72 18.08 -12.70
N MET D 109 43.44 18.14 -11.59
CA MET D 109 42.82 18.38 -10.29
C MET D 109 42.21 19.78 -10.32
N CYS D 110 42.97 20.72 -10.87
CA CYS D 110 42.51 22.07 -11.04
C CYS D 110 41.34 22.12 -12.01
N LYS D 111 41.48 21.55 -13.22
CA LYS D 111 40.32 21.56 -14.11
C LYS D 111 39.08 20.92 -13.49
N ILE D 112 39.24 20.09 -12.47
CA ILE D 112 38.01 19.54 -11.81
C ILE D 112 37.51 20.50 -10.72
N LEU D 113 38.40 21.04 -9.89
CA LEU D 113 37.97 21.90 -8.76
C LEU D 113 37.32 23.19 -9.28
N SER D 114 37.86 23.78 -10.34
CA SER D 114 37.28 25.01 -10.92
C SER D 114 35.87 24.70 -11.43
N GLY D 115 35.69 23.55 -12.07
CA GLY D 115 34.34 23.15 -12.53
C GLY D 115 33.39 22.98 -11.36
N PHE D 116 33.83 22.31 -10.28
CA PHE D 116 32.97 22.10 -9.09
C PHE D 116 32.53 23.45 -8.52
N TYR D 117 33.44 24.42 -8.46
CA TYR D 117 33.13 25.74 -7.85
C TYR D 117 32.11 26.49 -8.70
N TYR D 118 32.28 26.47 -10.03
CA TYR D 118 31.38 27.25 -10.91
C TYR D 118 30.06 26.49 -11.11
N THR D 119 30.13 25.16 -11.26
CA THR D 119 28.94 24.35 -11.48
C THR D 119 28.06 24.48 -10.26
N GLY D 120 28.68 24.46 -9.07
CA GLY D 120 27.98 24.61 -7.81
C GLY D 120 27.24 25.93 -7.78
N LEU D 121 27.90 27.04 -8.14
CA LEU D 121 27.20 28.32 -8.12
C LEU D 121 26.04 28.36 -9.09
N TYR D 122 26.20 27.83 -10.29
CA TYR D 122 25.08 27.96 -11.21
C TYR D 122 23.96 27.04 -10.79
N SER D 123 24.29 25.82 -10.35
CA SER D 123 23.25 24.82 -9.98
C SER D 123 22.40 25.32 -8.82
N GLU D 124 23.00 25.75 -7.71
CA GLU D 124 22.22 26.15 -6.51
C GLU D 124 21.29 27.30 -6.88
N ILE D 125 21.78 28.26 -7.66
CA ILE D 125 20.96 29.45 -8.05
C ILE D 125 19.76 29.00 -8.89
N PHE D 126 19.96 28.03 -9.81
CA PHE D 126 18.87 27.55 -10.69
C PHE D 126 17.86 26.73 -9.87
N PHE D 127 18.34 25.94 -8.89
CA PHE D 127 17.42 25.21 -7.98
C PHE D 127 16.62 26.19 -7.11
N ILE D 128 17.25 27.24 -6.60
CA ILE D 128 16.48 28.28 -5.83
C ILE D 128 15.39 28.85 -6.73
N ILE D 129 15.66 28.98 -8.04
CA ILE D 129 14.63 29.47 -9.01
C ILE D 129 13.53 28.41 -9.15
N LEU D 130 13.89 27.13 -9.15
CA LEU D 130 12.86 26.09 -9.22
C LEU D 130 12.06 25.92 -7.95
N LEU D 131 12.67 26.05 -6.76
CA LEU D 131 11.87 25.95 -5.54
C LEU D 131 10.90 27.11 -5.48
N THR D 132 11.32 28.28 -5.93
CA THR D 132 10.47 29.45 -5.92
C THR D 132 9.27 29.24 -6.85
N ILE D 133 9.50 28.69 -8.04
CA ILE D 133 8.44 28.41 -8.99
C ILE D 133 7.52 27.32 -8.45
N ASP D 134 8.09 26.27 -7.87
CA ASP D 134 7.28 25.14 -7.32
C ASP D 134 6.28 25.70 -6.30
N ARG D 135 6.77 26.53 -5.37
CA ARG D 135 5.89 27.14 -4.34
C ARG D 135 4.85 28.03 -5.03
N TYR D 136 5.26 28.78 -6.06
CA TYR D 136 4.28 29.61 -6.81
C TYR D 136 3.11 28.71 -7.25
N LEU D 137 3.39 27.63 -7.99
CA LEU D 137 2.31 26.75 -8.46
C LEU D 137 1.52 26.10 -7.35
N ALA D 138 2.19 25.74 -6.29
CA ALA D 138 1.51 25.08 -5.21
C ALA D 138 0.50 25.98 -4.50
N ILE D 139 0.79 27.28 -4.41
CA ILE D 139 -0.12 28.19 -3.71
C ILE D 139 -1.05 28.87 -4.69
N VAL D 140 -0.51 29.39 -5.78
CA VAL D 140 -1.26 30.10 -6.79
C VAL D 140 -1.52 29.05 -7.86
N HIS D 141 -2.75 28.88 -8.31
CA HIS D 141 -3.08 27.81 -9.27
C HIS D 141 -2.94 26.45 -8.58
N ALA D 142 -3.41 26.37 -7.32
CA ALA D 142 -3.36 25.18 -6.49
C ALA D 142 -4.11 23.98 -7.09
N VAL D 143 -5.20 24.22 -7.82
CA VAL D 143 -5.94 23.12 -8.46
C VAL D 143 -5.15 22.57 -9.64
N PHE D 144 -4.62 23.45 -10.48
CA PHE D 144 -3.80 23.07 -11.63
C PHE D 144 -2.65 22.19 -11.21
N ALA D 145 -1.99 22.64 -10.16
CA ALA D 145 -0.82 22.02 -9.58
C ALA D 145 -1.04 20.56 -9.21
N LEU D 146 -2.29 20.13 -9.02
CA LEU D 146 -2.51 18.74 -8.65
C LEU D 146 -2.03 17.83 -9.78
N ARG D 147 -2.11 18.30 -11.03
CA ARG D 147 -1.69 17.53 -12.19
C ARG D 147 -0.28 17.91 -12.63
N ALA D 148 0.10 19.17 -12.41
CA ALA D 148 1.40 19.69 -12.85
C ALA D 148 2.60 19.36 -11.96
N ARG D 149 2.40 19.16 -10.66
CA ARG D 149 3.53 18.88 -9.77
C ARG D 149 3.67 17.40 -9.50
N THR D 150 4.56 16.75 -10.24
CA THR D 150 4.72 15.30 -10.12
C THR D 150 6.19 14.95 -9.99
N VAL D 151 6.45 13.70 -9.63
CA VAL D 151 7.79 13.18 -9.51
C VAL D 151 8.49 13.14 -10.85
N THR D 152 7.76 12.73 -11.88
CA THR D 152 8.32 12.64 -13.22
C THR D 152 8.84 13.97 -13.69
N PHE D 153 8.08 15.04 -13.49
CA PHE D 153 8.55 16.31 -13.98
C PHE D 153 9.66 16.86 -13.12
N GLY D 154 9.62 16.59 -11.80
CA GLY D 154 10.68 17.08 -10.94
C GLY D 154 12.02 16.47 -11.35
N VAL D 155 12.04 15.16 -11.68
CA VAL D 155 13.28 14.51 -12.08
C VAL D 155 13.78 15.00 -13.42
N ILE D 156 12.90 15.13 -14.41
CA ILE D 156 13.33 15.58 -15.72
C ILE D 156 13.89 16.99 -15.63
N THR D 157 13.19 17.85 -14.89
CA THR D 157 13.59 19.23 -14.74
C THR D 157 14.94 19.30 -14.03
N SER D 158 15.15 18.49 -12.99
CA SER D 158 16.41 18.52 -12.26
C SER D 158 17.58 18.16 -13.15
N ILE D 159 17.39 17.16 -14.03
CA ILE D 159 18.44 16.76 -14.95
C ILE D 159 18.79 17.88 -15.92
N ILE D 160 17.77 18.56 -16.46
CA ILE D 160 18.04 19.67 -17.37
C ILE D 160 18.84 20.76 -16.68
N ILE D 161 18.48 21.12 -15.44
CA ILE D 161 19.25 22.15 -14.76
C ILE D 161 20.67 21.76 -14.53
N TRP D 162 20.91 20.52 -14.13
CA TRP D 162 22.28 20.14 -13.93
C TRP D 162 23.06 20.26 -15.23
N ALA D 163 22.47 19.85 -16.36
CA ALA D 163 23.18 19.99 -17.60
C ALA D 163 23.51 21.44 -17.91
N LEU D 164 22.59 22.37 -17.60
CA LEU D 164 22.86 23.77 -17.85
C LEU D 164 23.97 24.30 -16.96
N ALA D 165 23.98 23.88 -15.68
CA ALA D 165 25.00 24.33 -14.75
C ALA D 165 26.38 23.89 -15.20
N ILE D 166 26.45 22.68 -15.75
CA ILE D 166 27.69 22.09 -16.24
C ILE D 166 28.16 22.81 -17.48
N LEU D 167 27.26 23.09 -18.40
CA LEU D 167 27.69 23.81 -19.59
C LEU D 167 28.11 25.24 -19.24
N ALA D 168 27.40 25.90 -18.33
CA ALA D 168 27.72 27.28 -17.93
C ALA D 168 29.12 27.38 -17.33
N SER D 169 29.56 26.32 -16.65
CA SER D 169 30.91 26.30 -16.01
C SER D 169 31.96 25.73 -16.98
N MET D 170 31.58 25.44 -18.22
CA MET D 170 32.53 24.83 -19.19
C MET D 170 33.74 25.73 -19.48
N PRO D 171 33.60 27.06 -19.76
CA PRO D 171 34.77 27.93 -19.92
C PRO D 171 35.78 27.74 -18.78
N GLY D 172 35.29 27.71 -17.54
CA GLY D 172 36.18 27.56 -16.37
C GLY D 172 36.93 26.24 -16.41
N LEU D 173 36.25 25.16 -16.79
CA LEU D 173 36.91 23.83 -16.90
C LEU D 173 37.99 23.90 -17.97
N TYR D 174 37.72 24.58 -19.09
CA TYR D 174 38.69 24.60 -20.21
C TYR D 174 39.89 25.50 -19.91
N PHE D 175 39.68 26.73 -19.43
CA PHE D 175 40.80 27.64 -19.26
C PHE D 175 41.51 27.53 -17.92
N SER D 176 41.28 26.46 -17.16
CA SER D 176 42.03 26.28 -15.88
C SER D 176 43.42 25.73 -16.17
N LYS D 177 44.47 26.46 -15.79
CA LYS D 177 45.86 26.02 -16.01
C LYS D 177 46.70 26.38 -14.78
N THR D 178 47.23 25.38 -14.06
CA THR D 178 48.14 25.70 -12.93
C THR D 178 49.53 25.96 -13.51
N GLN D 179 50.10 27.12 -13.23
CA GLN D 179 51.44 27.49 -13.79
C GLN D 179 52.42 27.67 -12.63
N TRP D 180 53.58 27.04 -12.72
CA TRP D 180 54.56 27.08 -11.59
C TRP D 180 55.46 28.31 -11.70
N GLU D 181 55.26 29.33 -10.87
CA GLU D 181 56.16 30.48 -10.85
C GLU D 181 57.39 30.02 -10.08
N PHE D 182 58.51 30.71 -10.25
CA PHE D 182 59.76 30.24 -9.60
C PHE D 182 59.53 30.19 -8.08
N THR D 183 58.83 31.19 -7.54
CA THR D 183 58.52 31.22 -6.09
C THR D 183 57.53 30.10 -5.73
N HIS D 184 56.35 30.05 -6.37
CA HIS D 184 55.34 29.03 -5.96
C HIS D 184 54.44 28.64 -7.14
N HIS D 185 53.49 27.74 -6.91
CA HIS D 185 52.59 27.26 -7.99
C HIS D 185 51.21 27.90 -7.81
N THR D 186 50.67 28.51 -8.87
CA THR D 186 49.34 29.18 -8.76
C THR D 186 48.34 28.50 -9.71
N CYS D 187 47.18 28.09 -9.18
CA CYS D 187 46.13 27.45 -10.01
C CYS D 187 45.08 28.51 -10.36
N SER D 188 44.90 28.81 -11.65
CA SER D 188 43.96 29.92 -12.01
C SER D 188 43.48 29.76 -13.46
N LEU D 189 42.58 30.64 -13.89
CA LEU D 189 42.07 30.63 -15.29
C LEU D 189 42.99 31.50 -16.16
N HIS D 190 43.26 31.09 -17.41
CA HIS D 190 44.09 31.94 -18.30
C HIS D 190 43.44 32.04 -19.68
N PHE D 191 43.36 33.25 -20.28
CA PHE D 191 42.67 33.39 -21.58
C PHE D 191 43.63 34.02 -22.59
N PRO D 192 43.47 33.78 -23.90
CA PRO D 192 44.30 34.44 -24.91
C PRO D 192 44.37 35.93 -24.57
N HIS D 193 45.57 36.52 -24.51
CA HIS D 193 45.71 37.91 -24.12
C HIS D 193 44.82 38.81 -24.95
N GLU D 194 44.72 38.52 -26.24
CA GLU D 194 43.92 39.30 -27.15
C GLU D 194 42.43 39.20 -26.89
N SER D 195 42.02 38.18 -26.13
CA SER D 195 40.64 37.93 -25.80
C SER D 195 40.42 38.05 -24.30
N LEU D 196 41.42 38.53 -23.56
CA LEU D 196 41.30 38.53 -22.12
C LEU D 196 40.19 39.44 -21.62
N ARG D 197 40.04 40.62 -22.22
CA ARG D 197 38.99 41.50 -21.73
C ARG D 197 37.61 40.91 -22.00
N GLU D 198 37.46 40.29 -23.17
CA GLU D 198 36.18 39.71 -23.53
C GLU D 198 35.82 38.58 -22.57
N TRP D 199 36.80 37.77 -22.19
CA TRP D 199 36.55 36.68 -21.27
C TRP D 199 36.33 37.13 -19.84
N LYS D 200 37.04 38.18 -19.38
CA LYS D 200 36.80 38.64 -18.03
C LYS D 200 35.36 39.08 -17.90
N LEU D 201 34.87 39.80 -18.93
CA LEU D 201 33.51 40.27 -18.90
C LEU D 201 32.52 39.15 -19.08
N PHE D 202 32.80 38.20 -19.97
CA PHE D 202 31.89 37.10 -20.18
C PHE D 202 31.58 36.40 -18.87
N GLN D 203 32.60 36.06 -18.10
CA GLN D 203 32.32 35.35 -16.87
C GLN D 203 31.52 36.23 -15.93
N ALA D 204 31.82 37.52 -15.87
CA ALA D 204 31.08 38.42 -15.00
C ALA D 204 29.62 38.53 -15.38
N LEU D 205 29.32 38.51 -16.67
CA LEU D 205 27.94 38.65 -17.09
C LEU D 205 27.17 37.37 -16.83
N LYS D 206 27.79 36.21 -16.97
CA LYS D 206 27.04 34.99 -16.68
C LYS D 206 26.69 34.97 -15.19
N LEU D 207 27.64 35.40 -14.36
CA LEU D 207 27.45 35.45 -12.91
C LEU D 207 26.45 36.50 -12.49
N ASN D 208 26.43 37.64 -13.17
CA ASN D 208 25.47 38.67 -12.78
C ASN D 208 24.06 38.33 -13.27
N LEU D 209 23.92 37.92 -14.53
CA LEU D 209 22.58 37.65 -15.07
C LEU D 209 21.90 36.43 -14.52
N PHE D 210 22.59 35.31 -14.38
CA PHE D 210 21.91 34.12 -13.92
C PHE D 210 22.18 33.86 -12.47
N GLY D 211 22.78 34.84 -11.78
CA GLY D 211 23.07 34.73 -10.34
C GLY D 211 22.29 35.76 -9.55
N LEU D 212 22.08 36.95 -10.14
CA LEU D 212 21.35 38.03 -9.43
C LEU D 212 20.10 38.47 -10.20
N VAL D 213 20.24 38.94 -11.45
CA VAL D 213 19.06 39.53 -12.15
C VAL D 213 17.93 38.52 -12.35
N LEU D 214 18.22 37.32 -12.88
CA LEU D 214 17.15 36.33 -13.16
C LEU D 214 16.51 35.79 -11.87
N PRO D 215 17.28 35.38 -10.82
CA PRO D 215 16.66 34.90 -9.58
C PRO D 215 15.88 35.99 -8.84
N LEU D 216 16.41 37.22 -8.78
CA LEU D 216 15.74 38.26 -8.07
C LEU D 216 14.42 38.56 -8.76
N LEU D 217 14.41 38.58 -10.09
CA LEU D 217 13.16 38.82 -10.80
C LEU D 217 12.15 37.71 -10.57
N VAL D 218 12.61 36.45 -10.57
CA VAL D 218 11.68 35.35 -10.37
C VAL D 218 11.07 35.41 -9.00
N MET D 219 11.88 35.67 -7.97
CA MET D 219 11.33 35.76 -6.64
C MET D 219 10.41 36.93 -6.47
N ILE D 220 10.69 38.06 -7.09
CA ILE D 220 9.78 39.17 -6.94
C ILE D 220 8.44 38.84 -7.55
N ILE D 221 8.41 38.27 -8.75
CA ILE D 221 7.12 37.97 -9.34
C ILE D 221 6.41 36.83 -8.60
N CYS D 222 7.13 35.75 -8.33
CA CYS D 222 6.52 34.61 -7.68
C CYS D 222 6.07 34.89 -6.28
N TYR D 223 6.87 35.60 -5.48
CA TYR D 223 6.43 35.84 -4.13
C TYR D 223 5.35 36.88 -4.06
N THR D 224 5.31 37.86 -4.97
CA THR D 224 4.23 38.82 -4.90
C THR D 224 2.92 38.07 -5.02
N GLY D 225 2.87 37.10 -5.94
CA GLY D 225 1.67 36.29 -6.16
C GLY D 225 1.32 35.34 -5.01
N ILE D 226 2.24 35.09 -4.08
CA ILE D 226 2.00 34.21 -2.95
C ILE D 226 1.53 35.03 -1.79
N ILE D 227 2.15 36.18 -1.55
CA ILE D 227 1.75 37.02 -0.44
C ILE D 227 0.31 37.48 -0.66
N LYS D 228 -0.04 37.85 -1.89
CA LYS D 228 -1.42 38.24 -2.16
C LYS D 228 -2.46 37.17 -1.83
N ILE D 229 -2.07 35.88 -1.77
CA ILE D 229 -2.98 34.80 -1.42
C ILE D 229 -2.94 34.61 0.08
N LEU D 230 -1.74 34.66 0.67
CA LEU D 230 -1.59 34.49 2.11
C LEU D 230 -2.37 35.54 2.88
N LEU D 231 -2.43 36.77 2.35
CA LEU D 231 -3.09 37.88 3.08
C LEU D 231 -4.58 37.97 2.73
N ARG D 232 -5.07 37.12 1.82
CA ARG D 232 -6.53 37.10 1.53
C ARG D 232 -7.29 36.71 2.80
N ARG D 233 -6.80 35.70 3.53
CA ARG D 233 -7.44 35.32 4.82
C ARG D 233 -6.44 35.57 5.95
N PRO D 234 -6.78 36.39 6.98
CA PRO D 234 -5.89 36.63 8.12
C PRO D 234 -5.75 35.40 9.03
N ASN D 235 -4.56 35.20 9.62
CA ASN D 235 -4.31 34.05 10.54
C ASN D 235 -2.92 34.27 11.15
N GLU D 236 -2.58 33.55 12.23
CA GLU D 236 -1.23 33.69 12.75
C GLU D 236 -0.19 32.95 11.89
N LYS D 237 -0.57 31.79 11.34
CA LYS D 237 0.36 31.00 10.49
C LYS D 237 0.60 31.72 9.16
N LYS D 238 -0.42 32.41 8.64
CA LYS D 238 -0.24 33.20 7.39
C LYS D 238 0.75 34.33 7.66
N SER D 239 0.64 34.98 8.83
CA SER D 239 1.57 36.09 9.19
C SER D 239 3.00 35.55 9.23
N LYS D 240 3.20 34.35 9.78
CA LYS D 240 4.52 33.74 9.84
C LYS D 240 5.04 33.42 8.44
N ALA D 241 4.16 32.91 7.55
CA ALA D 241 4.59 32.60 6.20
C ALA D 241 5.03 33.86 5.47
N VAL D 242 4.33 34.97 5.68
CA VAL D 242 4.72 36.20 5.00
C VAL D 242 6.08 36.68 5.52
N ARG D 243 6.30 36.64 6.83
CA ARG D 243 7.60 37.07 7.34
C ARG D 243 8.73 36.19 6.81
N LEU D 244 8.50 34.87 6.70
CA LEU D 244 9.51 33.95 6.19
C LEU D 244 9.84 34.29 4.74
N ILE D 245 8.83 34.63 3.94
CA ILE D 245 9.07 34.99 2.57
C ILE D 245 9.95 36.22 2.47
N PHE D 246 9.68 37.25 3.26
CA PHE D 246 10.52 38.42 3.17
C PHE D 246 11.95 38.10 3.59
N VAL D 247 12.13 37.26 4.61
CA VAL D 247 13.47 36.89 5.02
C VAL D 247 14.23 36.19 3.92
N ILE D 248 13.58 35.26 3.22
CA ILE D 248 14.26 34.56 2.14
C ILE D 248 14.66 35.51 1.01
N MET D 249 13.75 36.39 0.60
CA MET D 249 14.07 37.30 -0.50
C MET D 249 15.22 38.23 -0.15
N ILE D 250 15.25 38.71 1.09
CA ILE D 250 16.28 39.61 1.56
C ILE D 250 17.64 38.92 1.71
N ILE D 251 17.68 37.72 2.27
CA ILE D 251 18.97 37.06 2.40
C ILE D 251 19.56 36.80 1.04
N PHE D 252 18.77 36.30 0.10
CA PHE D 252 19.35 36.01 -1.19
C PHE D 252 19.94 37.29 -1.77
N PHE D 253 19.19 38.37 -1.74
CA PHE D 253 19.66 39.62 -2.31
C PHE D 253 20.94 40.11 -1.67
N LEU D 254 20.98 40.16 -0.34
CA LEU D 254 22.16 40.71 0.32
C LEU D 254 23.40 39.87 0.14
N PHE D 255 23.27 38.55 0.13
CA PHE D 255 24.43 37.70 -0.04
C PHE D 255 24.97 37.70 -1.47
N TRP D 256 24.11 37.78 -2.47
CA TRP D 256 24.60 37.68 -3.88
C TRP D 256 24.95 39.05 -4.49
N THR D 257 24.38 40.14 -3.97
CA THR D 257 24.62 41.48 -4.57
C THR D 257 26.09 41.89 -4.47
N PRO D 258 26.83 41.71 -3.34
CA PRO D 258 28.26 41.99 -3.28
C PRO D 258 29.10 41.10 -4.20
N TYR D 259 28.80 39.80 -4.31
CA TYR D 259 29.68 38.93 -5.13
C TYR D 259 29.70 39.46 -6.57
N ASN D 260 28.52 39.58 -7.18
CA ASN D 260 28.44 39.99 -8.61
C ASN D 260 29.04 41.39 -8.80
N LEU D 261 28.75 42.33 -7.91
CA LEU D 261 29.25 43.72 -8.08
C LEU D 261 30.77 43.71 -8.02
N THR D 262 31.34 42.96 -7.06
CA THR D 262 32.82 42.89 -6.93
C THR D 262 33.42 42.27 -8.18
N ILE D 263 32.78 41.22 -8.71
CA ILE D 263 33.30 40.55 -9.95
C ILE D 263 33.28 41.57 -11.09
N LEU D 264 32.21 42.36 -11.21
CA LEU D 264 32.12 43.39 -12.28
C LEU D 264 33.23 44.44 -12.10
N ILE D 265 33.48 44.88 -10.87
CA ILE D 265 34.53 45.91 -10.60
C ILE D 265 35.89 45.38 -11.07
N SER D 266 36.25 44.14 -10.73
CA SER D 266 37.49 43.53 -11.16
C SER D 266 37.63 43.56 -12.69
N VAL D 267 36.56 43.18 -13.39
CA VAL D 267 36.58 43.16 -14.89
C VAL D 267 36.99 44.51 -15.46
N PHE D 268 36.83 45.60 -14.70
CA PHE D 268 37.10 46.96 -15.27
C PHE D 268 38.15 47.72 -14.46
N GLN D 269 39.17 47.05 -13.94
CA GLN D 269 40.16 47.76 -13.06
C GLN D 269 40.81 48.91 -13.83
N ASP D 270 41.17 48.69 -15.10
CA ASP D 270 41.87 49.74 -15.89
C ASP D 270 40.96 50.96 -16.05
N PHE D 271 39.67 50.75 -16.31
CA PHE D 271 38.75 51.89 -16.56
C PHE D 271 38.20 52.44 -15.23
N LEU D 272 38.36 51.70 -14.13
CA LEU D 272 37.75 52.14 -12.85
C LEU D 272 38.82 52.70 -11.92
N PHE D 273 40.10 52.53 -12.29
CA PHE D 273 41.15 53.10 -11.46
C PHE D 273 42.09 53.94 -12.31
N THR D 274 42.64 55.00 -11.71
CA THR D 274 43.59 55.88 -12.41
C THR D 274 44.77 55.07 -12.88
N HIS D 275 45.27 54.18 -12.02
CA HIS D 275 46.39 53.33 -12.40
C HIS D 275 45.97 51.86 -12.32
N GLU D 276 46.52 51.03 -13.18
CA GLU D 276 46.15 49.63 -13.08
C GLU D 276 46.62 49.11 -11.74
N CYS D 277 45.77 48.36 -11.05
CA CYS D 277 46.07 47.77 -9.75
C CYS D 277 46.40 48.82 -8.67
N GLU D 278 45.96 50.06 -8.87
CA GLU D 278 46.18 51.17 -7.94
C GLU D 278 45.72 50.85 -6.53
N GLN D 279 44.60 50.15 -6.44
CA GLN D 279 43.99 49.77 -5.18
C GLN D 279 43.80 48.26 -5.11
N SER D 280 44.76 47.48 -5.63
CA SER D 280 44.64 46.01 -5.61
C SER D 280 44.58 45.49 -4.17
N ARG D 281 45.18 46.24 -3.26
CA ARG D 281 45.18 45.94 -1.83
C ARG D 281 43.79 45.98 -1.21
N HIS D 282 42.84 46.66 -1.85
CA HIS D 282 41.49 46.74 -1.33
C HIS D 282 40.54 45.90 -2.20
N LEU D 283 40.85 45.80 -3.49
CA LEU D 283 40.02 45.06 -4.43
C LEU D 283 40.19 43.55 -4.24
N ASP D 284 41.41 43.09 -3.95
CA ASP D 284 41.61 41.64 -3.67
C ASP D 284 40.95 41.27 -2.34
N LEU D 285 41.14 42.11 -1.31
CA LEU D 285 40.52 41.86 0.02
C LEU D 285 39.00 41.77 -0.18
N ALA D 286 38.43 42.65 -1.02
CA ALA D 286 36.98 42.64 -1.29
C ALA D 286 36.59 41.30 -1.92
N VAL D 287 37.34 40.85 -2.95
CA VAL D 287 37.07 39.56 -3.61
C VAL D 287 37.04 38.47 -2.53
N GLN D 288 38.05 38.43 -1.66
CA GLN D 288 38.13 37.36 -0.64
C GLN D 288 36.94 37.44 0.32
N VAL D 289 36.52 38.67 0.69
CA VAL D 289 35.34 38.85 1.58
C VAL D 289 34.09 38.33 0.86
N THR D 290 33.88 38.76 -0.39
CA THR D 290 32.65 38.38 -1.13
C THR D 290 32.64 36.86 -1.37
N GLU D 291 33.80 36.21 -1.39
CA GLU D 291 33.83 34.72 -1.52
C GLU D 291 33.30 34.08 -0.23
N VAL D 292 33.69 34.62 0.93
CA VAL D 292 33.20 34.07 2.23
C VAL D 292 31.68 34.25 2.29
N ILE D 293 31.18 35.41 1.86
CA ILE D 293 29.71 35.68 1.87
C ILE D 293 29.00 34.62 1.02
N ALA D 294 29.57 34.26 -0.13
CA ALA D 294 28.94 33.27 -1.04
C ALA D 294 28.86 31.90 -0.38
N TYR D 295 29.96 31.47 0.28
CA TYR D 295 29.97 30.17 0.99
C TYR D 295 28.95 30.20 2.13
N THR D 296 28.81 31.34 2.81
CA THR D 296 27.82 31.48 3.91
C THR D 296 26.40 31.34 3.35
N HIS D 297 26.12 31.95 2.20
CA HIS D 297 24.77 31.81 1.57
C HIS D 297 24.51 30.33 1.33
N CYS D 298 25.53 29.49 1.17
CA CYS D 298 25.28 28.04 1.03
C CYS D 298 24.78 27.43 2.35
N CYS D 299 25.38 27.80 3.48
CA CYS D 299 24.96 27.29 4.82
C CYS D 299 23.54 27.75 5.14
N VAL D 300 23.15 28.96 4.75
CA VAL D 300 21.79 29.51 5.08
C VAL D 300 20.71 28.83 4.23
N ASN D 301 21.08 28.23 3.10
CA ASN D 301 20.06 27.63 2.18
C ASN D 301 19.26 26.51 2.85
N PRO D 302 19.85 25.53 3.58
CA PRO D 302 19.05 24.53 4.29
C PRO D 302 18.12 25.13 5.34
N VAL D 303 18.60 26.14 6.09
CA VAL D 303 17.78 26.72 7.18
C VAL D 303 16.52 27.37 6.62
N ILE D 304 16.62 28.11 5.51
CA ILE D 304 15.43 28.85 5.00
C ILE D 304 14.57 27.98 4.08
N TYR D 305 15.01 26.78 3.72
CA TYR D 305 14.21 25.98 2.75
C TYR D 305 13.72 24.67 3.36
N ALA D 306 14.36 24.18 4.43
CA ALA D 306 13.98 22.87 4.99
C ALA D 306 13.65 22.94 6.48
N PHE D 307 14.57 23.48 7.29
CA PHE D 307 14.38 23.48 8.77
C PHE D 307 13.14 24.29 9.19
N VAL D 308 12.86 25.39 8.49
CA VAL D 308 11.70 26.25 8.83
C VAL D 308 10.40 25.45 8.67
N GLY D 309 10.32 24.57 7.67
CA GLY D 309 9.10 23.77 7.43
C GLY D 309 8.76 22.86 8.59
N GLU D 310 7.48 22.81 8.97
CA GLU D 310 7.05 21.97 10.14
C GLU D 310 7.29 20.49 9.87
N ARG D 311 6.75 19.96 8.76
CA ARG D 311 6.85 18.49 8.50
C ARG D 311 8.31 18.07 8.61
N PHE D 312 9.22 18.88 8.08
CA PHE D 312 10.66 18.54 8.05
C PHE D 312 11.22 18.41 9.47
N ARG D 313 10.86 19.35 10.36
CA ARG D 313 11.35 19.30 11.77
C ARG D 313 10.83 18.02 12.42
N LYS D 314 9.56 17.67 12.19
CA LYS D 314 8.93 16.46 12.78
C LYS D 314 9.68 15.21 12.30
N TYR D 315 10.00 15.15 11.00
CA TYR D 315 10.72 13.98 10.44
C TYR D 315 12.10 13.88 11.08
N LEU D 316 12.78 15.01 11.25
CA LEU D 316 14.14 15.00 11.86
C LEU D 316 14.06 14.44 13.27
N ARG D 317 13.03 14.85 14.03
CA ARG D 317 12.90 14.38 15.44
C ARG D 317 12.75 12.86 15.44
N GLN D 318 11.95 12.31 14.53
CA GLN D 318 11.78 10.84 14.45
C GLN D 318 13.09 10.20 14.01
N LEU D 319 13.82 10.83 13.09
CA LEU D 319 15.04 10.23 12.54
C LEU D 319 16.11 10.09 13.60
N PHE D 320 16.19 11.08 14.46
CA PHE D 320 17.17 11.18 15.53
C PHE D 320 16.98 10.10 16.59
N HIS D 321 15.80 9.48 16.62
CA HIS D 321 15.48 8.47 17.60
C HIS D 321 15.33 7.10 16.93
N ARG D 322 15.89 6.94 15.73
CA ARG D 322 15.84 5.69 15.00
C ARG D 322 17.22 5.33 14.44
N VAL E 2 -13.58 -19.87 -24.23
CA VAL E 2 -12.17 -19.78 -24.57
C VAL E 2 -11.91 -20.43 -25.91
N GLN E 3 -11.45 -19.65 -26.89
CA GLN E 3 -11.14 -20.19 -28.20
C GLN E 3 -10.10 -19.34 -28.89
N LEU E 4 -9.33 -19.99 -29.76
CA LEU E 4 -8.30 -19.36 -30.58
C LEU E 4 -8.51 -19.83 -32.01
N VAL E 5 -8.61 -18.89 -32.95
CA VAL E 5 -8.87 -19.21 -34.35
C VAL E 5 -7.72 -18.64 -35.17
N GLU E 6 -6.95 -19.51 -35.79
CA GLU E 6 -5.81 -19.10 -36.59
C GLU E 6 -6.18 -19.05 -38.06
N SER E 7 -5.57 -18.13 -38.79
CA SER E 7 -5.83 -17.92 -40.20
C SER E 7 -4.56 -17.49 -40.90
N GLY E 8 -4.59 -17.59 -42.24
CA GLY E 8 -3.42 -17.37 -43.05
C GLY E 8 -3.14 -18.59 -43.90
N GLY E 9 -1.97 -19.21 -43.71
CA GLY E 9 -1.67 -20.47 -44.37
C GLY E 9 -1.74 -20.38 -45.88
N GLY E 10 -1.91 -21.54 -46.51
CA GLY E 10 -1.98 -21.61 -47.95
C GLY E 10 -0.64 -21.99 -48.58
N LEU E 11 -0.60 -21.83 -49.89
CA LEU E 11 0.59 -22.15 -50.68
C LEU E 11 1.42 -20.89 -50.90
N VAL E 12 2.72 -21.00 -50.67
CA VAL E 12 3.65 -19.89 -50.84
C VAL E 12 4.86 -20.39 -51.62
N GLN E 13 5.39 -19.54 -52.48
CA GLN E 13 6.62 -19.90 -53.17
C GLN E 13 7.83 -19.57 -52.28
N PRO E 14 8.91 -20.32 -52.40
CA PRO E 14 10.08 -20.07 -51.54
C PRO E 14 10.60 -18.64 -51.70
N GLY E 15 11.06 -18.08 -50.59
CA GLY E 15 11.52 -16.70 -50.57
C GLY E 15 10.43 -15.66 -50.42
N GLY E 16 9.16 -16.07 -50.40
CA GLY E 16 8.06 -15.15 -50.23
C GLY E 16 7.87 -14.76 -48.78
N SER E 17 6.64 -14.34 -48.46
CA SER E 17 6.29 -13.89 -47.12
C SER E 17 4.81 -14.10 -46.89
N ARG E 18 4.44 -14.16 -45.61
CA ARG E 18 3.05 -14.33 -45.22
C ARG E 18 2.88 -13.96 -43.75
N LYS E 19 1.70 -13.46 -43.40
CA LYS E 19 1.38 -13.09 -42.03
C LYS E 19 0.28 -14.00 -41.50
N LEU E 20 0.60 -14.79 -40.49
CA LEU E 20 -0.36 -15.67 -39.83
C LEU E 20 -1.03 -14.90 -38.70
N SER E 21 -2.35 -14.93 -38.66
CA SER E 21 -3.12 -14.26 -37.62
C SER E 21 -3.77 -15.28 -36.69
N CYS E 22 -4.03 -14.86 -35.47
CA CYS E 22 -4.71 -15.72 -34.50
C CYS E 22 -5.62 -14.84 -33.66
N SER E 23 -6.93 -14.92 -33.90
CA SER E 23 -7.90 -14.17 -33.13
C SER E 23 -8.30 -14.95 -31.89
N ALA E 24 -8.20 -14.31 -30.73
CA ALA E 24 -8.61 -14.89 -29.45
C ALA E 24 -10.03 -14.46 -29.11
N SER E 25 -10.72 -15.30 -28.35
CA SER E 25 -12.08 -14.97 -27.95
C SER E 25 -12.43 -15.68 -26.66
N GLY E 26 -12.88 -14.92 -25.67
CA GLY E 26 -13.45 -15.49 -24.47
C GLY E 26 -12.52 -15.61 -23.28
N PHE E 27 -11.45 -14.83 -23.22
CA PHE E 27 -10.58 -14.84 -22.05
C PHE E 27 -9.76 -13.55 -22.03
N ALA E 28 -9.11 -13.31 -20.90
CA ALA E 28 -8.33 -12.09 -20.66
C ALA E 28 -7.04 -12.16 -21.46
N PHE E 29 -7.14 -11.78 -22.74
CA PHE E 29 -6.01 -11.91 -23.66
C PHE E 29 -4.79 -11.15 -23.19
N SER E 30 -4.98 -9.96 -22.61
CA SER E 30 -3.86 -9.10 -22.29
C SER E 30 -2.97 -9.70 -21.21
N SER E 31 -3.51 -10.52 -20.34
CA SER E 31 -2.73 -11.08 -19.23
C SER E 31 -2.08 -12.41 -19.57
N PHE E 32 -2.21 -12.88 -20.81
CA PHE E 32 -1.64 -14.14 -21.25
C PHE E 32 -0.47 -13.90 -22.19
N GLY E 33 0.65 -14.60 -21.93
CA GLY E 33 1.68 -14.71 -22.94
C GLY E 33 1.31 -15.74 -23.99
N MET E 34 1.84 -15.57 -25.19
CA MET E 34 1.47 -16.41 -26.31
C MET E 34 2.71 -17.08 -26.91
N HIS E 35 2.54 -18.32 -27.35
CA HIS E 35 3.56 -19.05 -28.06
C HIS E 35 3.03 -19.50 -29.42
N TRP E 36 3.91 -19.48 -30.41
CA TRP E 36 3.67 -20.14 -31.69
C TRP E 36 4.49 -21.40 -31.74
N VAL E 37 3.81 -22.54 -31.94
CA VAL E 37 4.41 -23.85 -32.08
C VAL E 37 3.99 -24.39 -33.44
N ARG E 38 4.78 -25.29 -34.01
CA ARG E 38 4.45 -25.85 -35.31
C ARG E 38 4.70 -27.36 -35.33
N GLN E 39 4.03 -28.02 -36.27
CA GLN E 39 4.14 -29.46 -36.44
C GLN E 39 4.27 -29.78 -37.92
N ALA E 40 5.36 -30.44 -38.29
CA ALA E 40 5.62 -30.83 -39.65
C ALA E 40 4.54 -31.80 -40.15
N PRO E 41 4.47 -32.03 -41.46
CA PRO E 41 3.43 -32.93 -42.00
C PRO E 41 3.41 -34.31 -41.37
N GLU E 42 4.56 -34.85 -40.95
CA GLU E 42 4.59 -36.17 -40.33
C GLU E 42 5.51 -36.27 -39.13
N LYS E 43 6.09 -35.16 -38.65
CA LYS E 43 7.00 -35.18 -37.53
C LYS E 43 6.29 -34.69 -36.26
N GLY E 44 7.08 -34.51 -35.20
CA GLY E 44 6.56 -34.07 -33.93
C GLY E 44 6.44 -32.56 -33.83
N LEU E 45 6.36 -32.09 -32.59
CA LEU E 45 6.18 -30.69 -32.31
C LEU E 45 7.52 -30.00 -32.10
N GLU E 46 7.57 -28.70 -32.40
CA GLU E 46 8.73 -27.88 -32.12
C GLU E 46 8.30 -26.45 -31.86
N TRP E 47 8.92 -25.82 -30.88
CA TRP E 47 8.56 -24.47 -30.48
C TRP E 47 9.19 -23.46 -31.43
N VAL E 48 8.45 -22.40 -31.75
CA VAL E 48 8.85 -21.43 -32.76
C VAL E 48 9.09 -20.05 -32.14
N ALA E 49 8.07 -19.49 -31.47
CA ALA E 49 8.22 -18.13 -30.98
C ALA E 49 7.42 -17.93 -29.71
N TYR E 50 7.77 -16.89 -28.95
CA TYR E 50 7.09 -16.57 -27.71
C TYR E 50 7.11 -15.07 -27.45
N ILE E 51 5.94 -14.51 -27.13
CA ILE E 51 5.82 -13.11 -26.74
C ILE E 51 5.07 -13.03 -25.42
N SER E 52 5.65 -12.33 -24.45
CA SER E 52 5.11 -12.35 -23.09
C SER E 52 3.93 -11.39 -22.96
N SER E 53 3.49 -11.22 -21.71
CA SER E 53 2.34 -10.36 -21.43
C SER E 53 2.77 -8.91 -21.40
N GLY E 54 2.13 -8.08 -22.22
CA GLY E 54 2.53 -6.71 -22.38
C GLY E 54 3.67 -6.49 -23.35
N SER E 55 4.11 -7.53 -24.06
CA SER E 55 5.12 -7.50 -25.11
C SER E 55 6.51 -7.18 -24.58
N GLY E 56 6.80 -7.44 -23.30
CA GLY E 56 8.07 -7.06 -22.74
C GLY E 56 9.21 -8.04 -22.96
N THR E 57 8.90 -9.26 -23.39
CA THR E 57 9.91 -10.28 -23.62
C THR E 57 9.53 -11.09 -24.85
N ILE E 58 10.49 -11.34 -25.73
CA ILE E 58 10.28 -12.12 -26.95
C ILE E 58 11.42 -13.12 -27.06
N TYR E 59 11.08 -14.34 -27.48
CA TYR E 59 12.05 -15.40 -27.69
C TYR E 59 11.77 -16.13 -28.99
N TYR E 60 12.83 -16.63 -29.62
CA TYR E 60 12.74 -17.40 -30.84
C TYR E 60 13.53 -18.69 -30.67
N ALA E 61 13.47 -19.54 -31.70
CA ALA E 61 13.96 -20.91 -31.58
C ALA E 61 15.38 -21.11 -32.07
N ASP E 62 16.02 -20.08 -32.62
CA ASP E 62 17.34 -20.08 -33.24
C ASP E 62 17.34 -20.78 -34.59
N THR E 63 16.24 -21.41 -34.99
CA THR E 63 16.08 -21.90 -36.35
C THR E 63 15.31 -20.91 -37.21
N VAL E 64 14.65 -19.94 -36.59
CA VAL E 64 13.92 -18.89 -37.30
C VAL E 64 14.30 -17.50 -36.81
N LYS E 65 15.29 -17.38 -35.94
CA LYS E 65 15.66 -16.07 -35.39
C LYS E 65 16.13 -15.14 -36.49
N GLY E 66 15.66 -13.89 -36.43
CA GLY E 66 15.97 -12.92 -37.46
C GLY E 66 15.17 -13.06 -38.72
N ARG E 67 14.26 -14.04 -38.80
CA ARG E 67 13.51 -14.31 -40.01
C ARG E 67 12.01 -14.22 -39.74
N PHE E 68 11.62 -14.43 -38.49
CA PHE E 68 10.22 -14.35 -38.06
C PHE E 68 10.05 -13.15 -37.14
N THR E 69 8.81 -12.66 -37.05
CA THR E 69 8.49 -11.54 -36.15
C THR E 69 7.12 -11.79 -35.54
N ILE E 70 7.08 -11.97 -34.22
CA ILE E 70 5.84 -12.20 -33.50
C ILE E 70 5.42 -10.91 -32.80
N SER E 71 4.14 -10.57 -32.90
CA SER E 71 3.66 -9.31 -32.36
C SER E 71 2.20 -9.43 -31.94
N ARG E 72 1.91 -8.99 -30.72
CA ARG E 72 0.55 -9.06 -30.19
C ARG E 72 -0.12 -7.70 -30.23
N ASP E 73 -1.44 -7.72 -30.44
CA ASP E 73 -2.28 -6.54 -30.36
C ASP E 73 -3.32 -6.78 -29.27
N ASP E 74 -3.28 -5.95 -28.23
CA ASP E 74 -4.16 -6.19 -27.09
C ASP E 74 -5.58 -5.68 -27.32
N PRO E 75 -5.80 -4.43 -27.82
CA PRO E 75 -7.18 -3.98 -28.07
C PRO E 75 -7.92 -4.86 -29.06
N LYS E 76 -7.34 -5.05 -30.24
CA LYS E 76 -7.85 -6.02 -31.21
C LYS E 76 -7.12 -7.33 -30.92
N ASN E 77 -7.85 -8.30 -30.37
CA ASN E 77 -7.26 -9.44 -29.65
C ASN E 77 -6.35 -10.33 -30.49
N THR E 78 -6.14 -9.98 -31.76
CA THR E 78 -5.34 -10.82 -32.65
C THR E 78 -3.87 -10.87 -32.23
N LEU E 79 -3.22 -11.96 -32.60
CA LEU E 79 -1.78 -12.14 -32.48
C LEU E 79 -1.21 -12.47 -33.85
N PHE E 80 -0.13 -11.80 -34.24
CA PHE E 80 0.42 -11.91 -35.58
C PHE E 80 1.79 -12.57 -35.55
N LEU E 81 2.07 -13.35 -36.60
CA LEU E 81 3.40 -13.89 -36.88
C LEU E 81 3.72 -13.55 -38.33
N GLN E 82 4.62 -12.59 -38.53
CA GLN E 82 5.06 -12.22 -39.87
C GLN E 82 6.28 -13.05 -40.23
N MET E 83 6.20 -13.75 -41.36
CA MET E 83 7.25 -14.64 -41.81
C MET E 83 7.73 -14.20 -43.18
N THR E 84 9.04 -14.03 -43.33
CA THR E 84 9.66 -13.62 -44.57
C THR E 84 10.74 -14.61 -44.96
N SER E 85 11.03 -14.68 -46.26
CA SER E 85 12.04 -15.59 -46.79
C SER E 85 11.74 -17.04 -46.40
N LEU E 86 10.54 -17.49 -46.77
CA LEU E 86 10.09 -18.82 -46.40
C LEU E 86 10.89 -19.88 -47.16
N ARG E 87 11.70 -20.64 -46.45
CA ARG E 87 12.40 -21.76 -47.06
C ARG E 87 11.51 -23.00 -47.09
N SER E 88 12.10 -24.12 -47.50
CA SER E 88 11.32 -25.34 -47.67
C SER E 88 11.12 -26.11 -46.37
N GLU E 89 11.78 -25.72 -45.28
CA GLU E 89 11.57 -26.38 -44.01
C GLU E 89 10.47 -25.74 -43.18
N ASP E 90 9.97 -24.57 -43.60
CA ASP E 90 8.90 -23.88 -42.88
C ASP E 90 7.54 -24.20 -43.51
N THR E 91 7.24 -25.50 -43.59
CA THR E 91 5.95 -25.97 -44.09
C THR E 91 5.38 -26.91 -43.04
N ALA E 92 4.26 -26.51 -42.43
CA ALA E 92 3.77 -27.20 -41.25
C ALA E 92 2.40 -26.65 -40.87
N MET E 93 1.82 -27.25 -39.83
CA MET E 93 0.62 -26.71 -39.21
C MET E 93 1.04 -25.89 -37.98
N TYR E 94 0.52 -24.67 -37.89
CA TYR E 94 0.93 -23.72 -36.86
C TYR E 94 -0.17 -23.62 -35.82
N TYR E 95 0.19 -23.86 -34.56
CA TYR E 95 -0.70 -23.73 -33.43
C TYR E 95 -0.28 -22.51 -32.60
N CYS E 96 -1.29 -21.78 -32.14
CA CYS E 96 -1.10 -20.77 -31.11
C CYS E 96 -1.49 -21.36 -29.77
N VAL E 97 -0.68 -21.09 -28.74
CA VAL E 97 -0.95 -21.63 -27.42
C VAL E 97 -0.75 -20.54 -26.38
N ARG E 98 -1.74 -20.36 -25.51
CA ARG E 98 -1.67 -19.37 -24.45
C ARG E 98 -0.97 -19.94 -23.22
N SER E 99 -0.38 -19.06 -22.44
CA SER E 99 0.38 -19.47 -21.26
C SER E 99 0.42 -18.33 -20.28
N ILE E 100 0.17 -18.62 -19.01
CA ILE E 100 0.17 -17.62 -17.95
C ILE E 100 1.09 -18.11 -16.84
N TYR E 101 1.90 -17.22 -16.30
CA TYR E 101 2.96 -17.57 -15.37
C TYR E 101 2.80 -16.79 -14.07
N TYR E 102 2.23 -17.43 -13.06
CA TYR E 102 2.35 -16.98 -11.68
C TYR E 102 2.54 -18.23 -10.83
N TYR E 103 2.65 -18.04 -9.52
CA TYR E 103 2.85 -19.17 -8.63
C TYR E 103 1.64 -20.11 -8.69
N GLY E 104 1.88 -21.36 -9.09
CA GLY E 104 0.83 -22.35 -9.13
C GLY E 104 -0.06 -22.31 -10.34
N SER E 105 0.37 -21.67 -11.43
CA SER E 105 -0.47 -21.58 -12.62
C SER E 105 -0.31 -22.83 -13.48
N SER E 106 -1.01 -22.83 -14.61
CA SER E 106 -0.98 -23.92 -15.58
C SER E 106 -0.61 -23.35 -16.94
N PRO E 107 0.67 -23.35 -17.30
CA PRO E 107 1.06 -22.87 -18.63
C PRO E 107 0.64 -23.84 -19.72
N PHE E 108 0.53 -23.32 -20.94
CA PHE E 108 0.19 -24.08 -22.14
C PHE E 108 -1.17 -24.77 -22.03
N ASP E 109 -2.13 -24.16 -21.34
CA ASP E 109 -3.34 -24.87 -20.97
C ASP E 109 -4.33 -25.00 -22.12
N PHE E 110 -4.24 -24.16 -23.15
CA PHE E 110 -5.21 -24.20 -24.23
C PHE E 110 -4.50 -23.94 -25.56
N TRP E 111 -4.58 -24.91 -26.45
CA TRP E 111 -3.98 -24.82 -27.78
C TRP E 111 -5.03 -24.45 -28.81
N GLY E 112 -4.63 -23.65 -29.79
CA GLY E 112 -5.52 -23.29 -30.88
C GLY E 112 -5.78 -24.45 -31.81
N GLN E 113 -6.40 -24.13 -32.95
CA GLN E 113 -6.71 -25.16 -33.94
C GLN E 113 -5.60 -25.33 -34.96
N GLY E 114 -4.88 -24.25 -35.29
CA GLY E 114 -3.76 -24.33 -36.20
C GLY E 114 -4.16 -24.04 -37.64
N THR E 115 -3.18 -23.59 -38.40
CA THR E 115 -3.38 -23.29 -39.82
C THR E 115 -2.25 -23.90 -40.62
N THR E 116 -2.55 -24.36 -41.83
CA THR E 116 -1.58 -25.08 -42.64
C THR E 116 -0.83 -24.13 -43.56
N LEU E 117 0.49 -24.21 -43.54
CA LEU E 117 1.36 -23.46 -44.45
C LEU E 117 2.19 -24.41 -45.27
N THR E 118 2.02 -24.38 -46.59
CA THR E 118 2.79 -25.21 -47.50
C THR E 118 3.60 -24.33 -48.43
N VAL E 119 4.88 -24.67 -48.59
CA VAL E 119 5.76 -23.99 -49.54
C VAL E 119 6.18 -25.00 -50.59
N SER E 120 6.13 -24.58 -51.85
CA SER E 120 6.40 -25.49 -52.96
C SER E 120 7.90 -25.75 -53.08
N SER E 121 8.24 -26.92 -53.62
CA SER E 121 9.62 -27.35 -53.80
C SER E 121 10.41 -27.30 -52.49
N GLY E 135 23.13 -25.70 -29.89
CA GLY E 135 24.05 -26.76 -29.50
C GLY E 135 23.92 -27.14 -28.04
N SER E 136 23.72 -26.15 -27.18
CA SER E 136 23.56 -26.37 -25.74
C SER E 136 22.12 -26.63 -25.34
N ASP E 137 21.24 -26.98 -26.29
CA ASP E 137 19.86 -27.22 -25.98
C ASP E 137 19.69 -28.50 -25.16
N ILE E 138 18.49 -28.69 -24.63
CA ILE E 138 18.14 -29.90 -23.90
C ILE E 138 17.37 -30.82 -24.83
N VAL E 139 17.84 -32.05 -24.98
CA VAL E 139 17.25 -33.03 -25.89
C VAL E 139 16.33 -33.93 -25.09
N MET E 140 15.08 -34.03 -25.52
CA MET E 140 14.09 -34.87 -24.87
C MET E 140 14.04 -36.22 -25.59
N THR E 141 14.43 -37.28 -24.90
CA THR E 141 14.55 -38.61 -25.50
C THR E 141 13.40 -39.49 -25.01
N GLN E 142 12.49 -39.83 -25.91
CA GLN E 142 11.43 -40.78 -25.63
C GLN E 142 11.75 -42.08 -26.34
N ALA E 143 12.17 -43.08 -25.58
CA ALA E 143 12.65 -44.34 -26.15
C ALA E 143 11.50 -45.24 -26.58
N THR E 144 10.61 -44.73 -27.42
CA THR E 144 9.51 -45.50 -27.96
C THR E 144 8.91 -44.74 -29.13
N SER E 145 8.23 -45.47 -30.01
CA SER E 145 7.58 -44.84 -31.16
C SER E 145 6.15 -45.34 -31.31
N SER E 146 5.88 -46.54 -30.81
CA SER E 146 4.55 -47.13 -30.88
C SER E 146 4.42 -48.21 -29.81
N VAL E 147 3.29 -48.22 -29.12
CA VAL E 147 3.05 -49.20 -28.06
C VAL E 147 1.68 -49.85 -28.27
N PRO E 148 1.62 -51.17 -28.50
CA PRO E 148 0.31 -51.83 -28.63
C PRO E 148 -0.27 -52.14 -27.26
N VAL E 149 -1.58 -51.90 -27.11
CA VAL E 149 -2.26 -52.09 -25.83
C VAL E 149 -3.75 -52.15 -26.10
N THR E 150 -4.49 -52.83 -25.18
CA THR E 150 -5.92 -53.01 -25.12
C THR E 150 -6.51 -52.26 -23.95
N PRO E 151 -7.75 -51.78 -24.06
CA PRO E 151 -8.38 -51.04 -22.96
C PRO E 151 -8.41 -51.85 -21.67
N GLY E 152 -8.50 -51.15 -20.55
CA GLY E 152 -8.51 -51.76 -19.25
C GLY E 152 -7.15 -51.99 -18.63
N GLU E 153 -6.10 -52.07 -19.43
CA GLU E 153 -4.75 -52.28 -18.91
C GLU E 153 -4.11 -50.96 -18.49
N SER E 154 -2.97 -51.07 -17.82
CA SER E 154 -2.22 -49.92 -17.37
C SER E 154 -0.94 -49.78 -18.19
N VAL E 155 -0.69 -48.57 -18.70
CA VAL E 155 0.49 -48.30 -19.52
C VAL E 155 1.40 -47.35 -18.75
N SER E 156 2.68 -47.39 -19.09
CA SER E 156 3.68 -46.50 -18.48
C SER E 156 4.60 -45.98 -19.58
N ILE E 157 4.29 -44.79 -20.09
CA ILE E 157 5.16 -44.12 -21.04
C ILE E 157 6.34 -43.52 -20.27
N SER E 158 7.49 -43.44 -20.90
CA SER E 158 8.70 -42.99 -20.21
C SER E 158 9.48 -42.02 -21.09
N CYS E 159 10.25 -41.15 -20.43
CA CYS E 159 11.13 -40.23 -21.14
C CYS E 159 12.32 -39.90 -20.25
N ARG E 160 13.35 -39.34 -20.87
CA ARG E 160 14.52 -38.90 -20.12
C ARG E 160 15.12 -37.68 -20.81
N SER E 161 15.88 -36.91 -20.03
CA SER E 161 16.40 -35.62 -20.44
C SER E 161 17.93 -35.64 -20.51
N SER E 162 18.47 -34.56 -21.07
CA SER E 162 19.91 -34.41 -21.14
C SER E 162 20.50 -33.99 -19.80
N LYS E 163 19.86 -33.04 -19.12
CA LYS E 163 20.30 -32.59 -17.81
C LYS E 163 19.11 -32.63 -16.85
N SER E 164 19.41 -32.44 -15.57
CA SER E 164 18.37 -32.47 -14.55
C SER E 164 17.40 -31.32 -14.74
N LEU E 165 16.11 -31.65 -14.92
CA LEU E 165 15.08 -30.64 -15.01
C LEU E 165 14.64 -30.12 -13.65
N LEU E 166 15.13 -30.72 -12.56
CA LEU E 166 14.78 -30.27 -11.22
C LEU E 166 15.58 -29.03 -10.87
N HIS E 167 14.88 -27.91 -10.70
CA HIS E 167 15.52 -26.65 -10.34
C HIS E 167 15.89 -26.65 -8.88
N SER E 168 16.56 -25.57 -8.45
CA SER E 168 16.94 -25.44 -7.04
C SER E 168 15.72 -25.12 -6.17
N ASN E 169 14.71 -24.47 -6.73
CA ASN E 169 13.53 -24.11 -5.97
C ASN E 169 12.55 -25.26 -5.77
N GLY E 170 12.94 -26.49 -6.11
CA GLY E 170 12.11 -27.66 -5.87
C GLY E 170 11.27 -28.11 -7.03
N ASN E 171 11.02 -27.23 -8.02
CA ASN E 171 10.17 -27.60 -9.13
C ASN E 171 10.89 -28.55 -10.09
N THR E 172 10.10 -29.18 -10.96
CA THR E 172 10.61 -30.05 -12.02
C THR E 172 9.80 -29.72 -13.28
N TYR E 173 10.40 -28.94 -14.18
CA TYR E 173 9.65 -28.32 -15.27
C TYR E 173 9.51 -29.29 -16.44
N LEU E 174 8.61 -30.25 -16.26
CA LEU E 174 8.33 -31.27 -17.26
C LEU E 174 6.83 -31.33 -17.51
N TYR E 175 6.42 -31.07 -18.75
CA TYR E 175 5.02 -31.09 -19.12
C TYR E 175 4.71 -32.28 -20.00
N TRP E 176 3.57 -32.92 -19.75
CA TRP E 176 3.07 -34.02 -20.55
C TRP E 176 1.82 -33.58 -21.29
N PHE E 177 1.85 -33.73 -22.61
CA PHE E 177 0.74 -33.37 -23.50
C PHE E 177 0.12 -34.63 -24.09
N LEU E 178 -0.85 -34.42 -24.98
CA LEU E 178 -1.56 -35.50 -25.65
C LEU E 178 -2.24 -34.95 -26.88
N GLN E 179 -1.97 -35.54 -28.03
CA GLN E 179 -2.59 -35.15 -29.28
C GLN E 179 -3.43 -36.31 -29.81
N ARG E 180 -4.73 -36.09 -29.93
CA ARG E 180 -5.62 -37.10 -30.49
C ARG E 180 -5.67 -36.96 -32.01
N PRO E 181 -5.98 -38.06 -32.71
CA PRO E 181 -5.98 -38.01 -34.18
C PRO E 181 -6.89 -36.94 -34.76
N GLY E 182 -6.31 -35.97 -35.46
CA GLY E 182 -7.08 -34.94 -36.13
C GLY E 182 -7.43 -33.74 -35.29
N GLN E 183 -6.69 -33.48 -34.22
CA GLN E 183 -6.95 -32.36 -33.33
C GLN E 183 -5.65 -31.71 -32.91
N SER E 184 -5.74 -30.87 -31.90
CA SER E 184 -4.62 -30.15 -31.32
C SER E 184 -4.20 -30.80 -30.01
N PRO E 185 -2.95 -30.61 -29.59
CA PRO E 185 -2.50 -31.20 -28.32
C PRO E 185 -3.31 -30.68 -27.14
N GLN E 186 -3.25 -31.42 -26.05
CA GLN E 186 -3.98 -31.09 -24.83
C GLN E 186 -3.08 -31.31 -23.64
N LEU E 187 -3.07 -30.35 -22.73
CA LEU E 187 -2.22 -30.44 -21.55
C LEU E 187 -2.77 -31.49 -20.59
N LEU E 188 -1.97 -32.51 -20.31
CA LEU E 188 -2.32 -33.52 -19.32
C LEU E 188 -1.67 -33.24 -17.97
N ILE E 189 -0.36 -33.02 -17.96
CA ILE E 189 0.39 -32.80 -16.73
C ILE E 189 1.22 -31.54 -16.91
N TYR E 190 1.15 -30.62 -15.95
CA TYR E 190 1.76 -29.32 -16.13
C TYR E 190 2.92 -29.06 -15.16
N ARG E 191 3.39 -30.10 -14.48
CA ARG E 191 4.72 -30.20 -13.88
C ARG E 191 4.87 -31.66 -13.48
N MET E 192 6.06 -32.09 -13.06
CA MET E 192 6.19 -33.48 -12.65
C MET E 192 5.20 -33.76 -11.53
N SER E 193 4.21 -34.61 -11.82
CA SER E 193 3.14 -34.96 -10.87
C SER E 193 2.25 -33.78 -10.50
N ASN E 194 1.60 -33.18 -11.49
CA ASN E 194 0.59 -32.13 -11.23
C ASN E 194 -0.48 -32.25 -12.32
N LEU E 195 -1.64 -32.80 -11.95
CA LEU E 195 -2.69 -33.08 -12.93
C LEU E 195 -3.41 -31.78 -13.31
N ALA E 196 -3.69 -31.64 -14.60
CA ALA E 196 -4.37 -30.46 -15.10
C ALA E 196 -5.86 -30.50 -14.78
N SER E 197 -6.56 -29.44 -15.15
CA SER E 197 -7.99 -29.33 -14.88
C SER E 197 -8.79 -29.82 -16.08
N GLY E 198 -9.86 -30.55 -15.80
CA GLY E 198 -10.64 -31.17 -16.84
C GLY E 198 -10.09 -32.49 -17.34
N VAL E 199 -8.97 -32.94 -16.80
CA VAL E 199 -8.33 -34.18 -17.23
C VAL E 199 -8.72 -35.28 -16.25
N PRO E 200 -9.22 -36.42 -16.73
CA PRO E 200 -9.59 -37.51 -15.83
C PRO E 200 -8.44 -37.92 -14.93
N ASP E 201 -8.78 -38.52 -13.79
CA ASP E 201 -7.80 -38.88 -12.78
C ASP E 201 -7.10 -40.21 -13.07
N ARG E 202 -7.14 -40.67 -14.32
CA ARG E 202 -6.44 -41.89 -14.68
C ARG E 202 -4.95 -41.64 -14.92
N PHE E 203 -4.61 -40.50 -15.53
CA PHE E 203 -3.22 -40.18 -15.80
C PHE E 203 -2.51 -39.76 -14.52
N SER E 204 -1.28 -40.22 -14.36
CA SER E 204 -0.49 -39.87 -13.18
C SER E 204 0.96 -39.70 -13.60
N GLY E 205 1.53 -38.54 -13.29
CA GLY E 205 2.93 -38.31 -13.58
C GLY E 205 3.83 -38.66 -12.41
N SER E 206 5.07 -39.03 -12.73
CA SER E 206 6.06 -39.35 -11.72
C SER E 206 7.44 -39.20 -12.36
N GLY E 207 8.46 -39.25 -11.52
CA GLY E 207 9.81 -39.19 -12.03
C GLY E 207 10.77 -38.65 -10.99
N SER E 208 12.01 -38.53 -11.43
CA SER E 208 13.10 -38.09 -10.54
C SER E 208 14.28 -37.67 -11.41
N GLY E 209 14.82 -36.49 -11.15
CA GLY E 209 16.03 -36.07 -11.82
C GLY E 209 15.88 -35.97 -13.31
N THR E 210 16.43 -36.94 -14.04
CA THR E 210 16.40 -36.96 -15.48
C THR E 210 15.51 -38.05 -16.07
N ALA E 211 14.76 -38.79 -15.26
CA ALA E 211 13.93 -39.89 -15.75
C ALA E 211 12.50 -39.70 -15.29
N PHE E 212 11.56 -39.66 -16.25
CA PHE E 212 10.17 -39.38 -15.93
C PHE E 212 9.25 -40.41 -16.57
N THR E 213 8.07 -40.56 -15.99
CA THR E 213 7.12 -41.59 -16.37
C THR E 213 5.70 -41.05 -16.25
N LEU E 214 4.85 -41.45 -17.20
CA LEU E 214 3.43 -41.14 -17.20
C LEU E 214 2.67 -42.46 -17.20
N THR E 215 1.93 -42.72 -16.14
CA THR E 215 1.20 -43.98 -15.97
C THR E 215 -0.29 -43.75 -16.16
N ILE E 216 -0.91 -44.61 -16.96
CA ILE E 216 -2.35 -44.62 -17.17
C ILE E 216 -2.91 -45.92 -16.58
N SER E 217 -3.86 -45.79 -15.67
CA SER E 217 -4.37 -46.95 -14.94
C SER E 217 -5.24 -47.84 -15.82
N ARG E 218 -6.27 -47.26 -16.44
CA ARG E 218 -7.13 -48.00 -17.34
C ARG E 218 -7.47 -47.10 -18.53
N LEU E 219 -7.44 -47.67 -19.72
CA LEU E 219 -7.60 -46.88 -20.94
C LEU E 219 -9.07 -46.71 -21.30
N GLU E 220 -9.29 -46.15 -22.48
CA GLU E 220 -10.61 -45.97 -23.05
C GLU E 220 -10.44 -45.85 -24.57
N ALA E 221 -11.50 -45.42 -25.24
CA ALA E 221 -11.45 -45.20 -26.67
C ALA E 221 -11.07 -43.76 -27.03
N GLU E 222 -11.05 -42.85 -26.06
CA GLU E 222 -10.78 -41.44 -26.30
C GLU E 222 -9.45 -40.99 -25.70
N ASP E 223 -8.50 -41.92 -25.51
CA ASP E 223 -7.19 -41.55 -25.02
C ASP E 223 -6.05 -42.21 -25.78
N VAL E 224 -6.33 -42.81 -26.94
CA VAL E 224 -5.26 -43.32 -27.80
C VAL E 224 -4.81 -42.21 -28.72
N GLY E 225 -3.52 -42.18 -29.01
CA GLY E 225 -2.95 -41.10 -29.79
C GLY E 225 -1.49 -40.91 -29.44
N VAL E 226 -0.96 -39.75 -29.81
CA VAL E 226 0.46 -39.45 -29.67
C VAL E 226 0.65 -38.66 -28.37
N TYR E 227 1.44 -39.20 -27.46
CA TYR E 227 1.80 -38.54 -26.22
C TYR E 227 3.16 -37.89 -26.38
N TYR E 228 3.20 -36.57 -26.25
CA TYR E 228 4.44 -35.81 -26.35
C TYR E 228 4.96 -35.48 -24.96
N CYS E 229 6.08 -34.76 -24.95
CA CYS E 229 6.72 -34.32 -23.73
C CYS E 229 7.26 -32.91 -23.97
N MET E 230 7.59 -32.21 -22.89
CA MET E 230 8.16 -30.88 -23.05
C MET E 230 8.90 -30.49 -21.79
N GLN E 231 9.92 -29.65 -21.96
CA GLN E 231 10.65 -29.07 -20.86
C GLN E 231 10.46 -27.57 -20.85
N HIS E 232 10.47 -26.98 -19.65
CA HIS E 232 10.33 -25.54 -19.52
C HIS E 232 11.42 -24.96 -18.63
N LEU E 233 12.51 -25.69 -18.40
CA LEU E 233 13.56 -25.22 -17.51
C LEU E 233 14.36 -24.10 -18.13
N GLU E 234 14.61 -24.17 -19.45
CA GLU E 234 15.39 -23.18 -20.16
C GLU E 234 14.81 -22.97 -21.54
N TYR E 235 15.30 -21.97 -22.21
CA TYR E 235 14.90 -21.77 -23.59
C TYR E 235 16.01 -22.20 -24.54
N PRO E 236 15.70 -22.66 -25.75
CA PRO E 236 14.35 -22.83 -26.32
C PRO E 236 13.59 -24.01 -25.74
N LEU E 237 12.29 -24.04 -25.95
CA LEU E 237 11.44 -25.12 -25.44
C LEU E 237 11.51 -26.29 -26.41
N THR E 238 11.91 -27.45 -25.90
CA THR E 238 12.14 -28.62 -26.72
C THR E 238 11.17 -29.73 -26.34
N PHE E 239 10.34 -30.13 -27.29
CA PHE E 239 9.50 -31.30 -27.12
C PHE E 239 10.27 -32.56 -27.50
N GLY E 240 9.85 -33.68 -26.93
CA GLY E 240 10.36 -34.95 -27.37
C GLY E 240 9.63 -35.44 -28.61
N ALA E 241 10.09 -36.56 -29.13
CA ALA E 241 9.35 -37.22 -30.19
C ALA E 241 8.18 -37.98 -29.59
N GLY E 242 7.06 -38.00 -30.31
CA GLY E 242 5.85 -38.54 -29.74
C GLY E 242 5.94 -40.04 -29.50
N THR E 243 5.07 -40.52 -28.63
CA THR E 243 4.88 -41.95 -28.38
C THR E 243 3.46 -42.30 -28.77
N LYS E 244 3.31 -43.16 -29.77
CA LYS E 244 1.99 -43.46 -30.32
C LYS E 244 1.37 -44.64 -29.59
N LEU E 245 0.14 -44.46 -29.12
CA LEU E 245 -0.65 -45.52 -28.52
C LEU E 245 -1.83 -45.80 -29.44
N GLU E 246 -1.88 -47.02 -29.97
CA GLU E 246 -2.94 -47.45 -30.87
C GLU E 246 -3.59 -48.71 -30.34
N LEU E 247 -4.61 -49.17 -31.06
CA LEU E 247 -5.38 -50.36 -30.69
C LEU E 247 -6.02 -50.20 -29.32
C1 CLR F . 18.58 12.13 -10.92
C2 CLR F . 17.10 12.14 -10.50
C3 CLR F . 16.95 11.79 -9.01
C4 CLR F . 17.76 12.77 -8.14
C5 CLR F . 19.21 12.79 -8.57
C6 CLR F . 20.18 12.53 -7.67
C7 CLR F . 21.65 12.53 -8.00
C8 CLR F . 21.91 13.34 -9.29
C9 CLR F . 21.00 12.79 -10.42
C10 CLR F . 19.48 13.06 -10.06
C11 CLR F . 21.43 13.22 -11.85
C12 CLR F . 22.96 13.27 -12.09
C13 CLR F . 23.66 14.10 -10.99
C14 CLR F . 23.40 13.33 -9.69
C15 CLR F . 24.39 13.89 -8.67
C16 CLR F . 25.60 14.32 -9.51
C17 CLR F . 25.21 14.17 -11.01
C18 CLR F . 23.10 15.55 -10.95
C19 CLR F . 19.11 14.53 -10.37
C20 CLR F . 25.90 15.26 -11.90
C21 CLR F . 25.58 15.05 -13.40
C22 CLR F . 27.42 15.33 -11.64
C23 CLR F . 28.18 16.34 -12.52
C24 CLR F . 29.58 16.66 -11.99
C25 CLR F . 30.57 17.10 -13.09
C26 CLR F . 30.07 18.30 -13.90
C27 CLR F . 31.94 17.38 -12.49
O1 CLR F . 15.60 11.83 -8.61
#